data_5D9E
# 
_entry.id   5D9E 
# 
_audit_conform.dict_name       mmcif_pdbx.dic 
_audit_conform.dict_version    5.403 
_audit_conform.dict_location   http://mmcif.pdb.org/dictionaries/ascii/mmcif_pdbx.dic 
# 
loop_
_database_2.database_id 
_database_2.database_code 
_database_2.pdbx_database_accession 
_database_2.pdbx_DOI 
PDB   5D9E         pdb_00005d9e 10.2210/pdb5d9e/pdb 
WWPDB D_1000212874 ?            ?                   
# 
loop_
_pdbx_audit_revision_history.ordinal 
_pdbx_audit_revision_history.data_content_type 
_pdbx_audit_revision_history.major_revision 
_pdbx_audit_revision_history.minor_revision 
_pdbx_audit_revision_history.revision_date 
_pdbx_audit_revision_history.part_number 
1 'Structure model' 1 0 2016-02-17 ? 
2 'Structure model' 1 1 2016-02-24 ? 
3 'Structure model' 1 2 2016-03-30 ? 
4 'Structure model' 1 3 2019-05-08 ? 
5 'Structure model' 1 4 2025-04-09 ? 
# 
_pdbx_audit_revision_details.ordinal             1 
_pdbx_audit_revision_details.revision_ordinal    1 
_pdbx_audit_revision_details.data_content_type   'Structure model' 
_pdbx_audit_revision_details.provider            repository 
_pdbx_audit_revision_details.type                'Initial release' 
_pdbx_audit_revision_details.description         ? 
_pdbx_audit_revision_details.details             ? 
# 
loop_
_pdbx_audit_revision_group.ordinal 
_pdbx_audit_revision_group.revision_ordinal 
_pdbx_audit_revision_group.data_content_type 
_pdbx_audit_revision_group.group 
1 2 'Structure model' 'Database references'        
2 3 'Structure model' 'Database references'        
3 4 'Structure model' Advisory                     
4 4 'Structure model' 'Author supporting evidence' 
5 4 'Structure model' 'Data collection'            
6 4 'Structure model' 'Derived calculations'       
7 5 'Structure model' 'Data collection'            
8 5 'Structure model' 'Database references'        
9 5 'Structure model' 'Structure summary'          
# 
loop_
_pdbx_audit_revision_category.ordinal 
_pdbx_audit_revision_category.revision_ordinal 
_pdbx_audit_revision_category.data_content_type 
_pdbx_audit_revision_category.category 
1  4 'Structure model' database_PDB_remark          
2  4 'Structure model' pdbx_audit_support           
3  4 'Structure model' pdbx_unobs_or_zero_occ_atoms 
4  4 'Structure model' pdbx_validate_close_contact  
5  4 'Structure model' struct_conn                  
6  5 'Structure model' chem_comp_atom               
7  5 'Structure model' chem_comp_bond               
8  5 'Structure model' database_2                   
9  5 'Structure model' pdbx_entry_details           
10 5 'Structure model' pdbx_modification_feature    
# 
loop_
_pdbx_audit_revision_item.ordinal 
_pdbx_audit_revision_item.revision_ordinal 
_pdbx_audit_revision_item.data_content_type 
_pdbx_audit_revision_item.item 
1 4 'Structure model' '_database_PDB_remark.text'                
2 4 'Structure model' '_pdbx_audit_support.funding_organization' 
3 5 'Structure model' '_database_2.pdbx_DOI'                     
4 5 'Structure model' '_database_2.pdbx_database_accession'      
# 
_pdbx_database_status.status_code                     REL 
_pdbx_database_status.status_code_sf                  REL 
_pdbx_database_status.status_code_mr                  ? 
_pdbx_database_status.entry_id                        5D9E 
_pdbx_database_status.recvd_initial_deposition_date   2015-08-18 
_pdbx_database_status.SG_entry                        N 
_pdbx_database_status.deposit_site                    RCSB 
_pdbx_database_status.process_site                    PDBE 
_pdbx_database_status.status_code_cs                  ? 
_pdbx_database_status.methods_development_category    ? 
_pdbx_database_status.pdb_format_compatible           Y 
_pdbx_database_status.status_code_nmr_data            ? 
# 
loop_
_audit_author.name 
_audit_author.pdbx_ordinal 
'Fage, C.D.'     1 
'Hegemann, J.D.' 2 
'Harms, K.'      3 
'Marahiel, M.A.' 4 
# 
_citation.abstract                  ? 
_citation.abstract_id_CAS           ? 
_citation.book_id_ISBN              ? 
_citation.book_publisher            ? 
_citation.book_publisher_city       ? 
_citation.book_title                ? 
_citation.coordinate_linkage        ? 
_citation.country                   UK 
_citation.database_id_Medline       ? 
_citation.details                   ? 
_citation.id                        primary 
_citation.journal_abbrev            'Mol Biosyst' 
_citation.journal_id_ASTM           ? 
_citation.journal_id_CSD            ? 
_citation.journal_id_ISSN           1742-2051 
_citation.journal_full              ? 
_citation.journal_issue             ? 
_citation.journal_volume            12 
_citation.language                  ? 
_citation.page_first                1106 
_citation.page_last                 1109 
_citation.title                     
'The ring residue proline 8 is crucial for the thermal stability of the lasso peptide caulosegnin II.' 
_citation.year                      2016 
_citation.database_id_CSD           ? 
_citation.pdbx_database_id_DOI      10.1039/c6mb00081a 
_citation.pdbx_database_id_PubMed   26863937 
_citation.unpublished_flag          ? 
# 
loop_
_citation_author.citation_id 
_citation_author.name 
_citation_author.ordinal 
_citation_author.identifier_ORCID 
primary 'Hegemann, J.D.' 1 ? 
primary 'Fage, C.D.'     2 ? 
primary 'Zhu, S.'        3 ? 
primary 'Harms, K.'      4 ? 
primary 'Di Leva, F.S.'  5 ? 
primary 'Novellino, E.'  6 ? 
primary 'Marinelli, L.'  7 ? 
primary 'Marahiel, M.A.' 8 ? 
# 
loop_
_entity.id 
_entity.type 
_entity.src_method 
_entity.pdbx_description 
_entity.formula_weight 
_entity.pdbx_number_of_molecules 
_entity.pdbx_ec 
_entity.pdbx_mutation 
_entity.pdbx_fragment 
_entity.details 
1 polymer     man 'Caulosegnin II' 2016.254 1  ? ? ? ? 
2 non-polymer syn 'CHLORIDE ION'   35.453   1  ? ? ? ? 
3 water       nat water            18.015   21 ? ? ? ? 
# 
_entity_poly.entity_id                      1 
_entity_poly.type                           'polypeptide(L)' 
_entity_poly.nstd_linkage                   no 
_entity_poly.nstd_monomer                   yes 
_entity_poly.pdbx_seq_one_letter_code       'GTLTPGLPEDFLPGHY(SME)PG' 
_entity_poly.pdbx_seq_one_letter_code_can   GTLTPGLPEDFLPGHYMPG 
_entity_poly.pdbx_strand_id                 A 
_entity_poly.pdbx_target_identifier         ? 
# 
loop_
_pdbx_entity_nonpoly.entity_id 
_pdbx_entity_nonpoly.name 
_pdbx_entity_nonpoly.comp_id 
2 'CHLORIDE ION' CL  
3 water          HOH 
# 
loop_
_entity_poly_seq.entity_id 
_entity_poly_seq.num 
_entity_poly_seq.mon_id 
_entity_poly_seq.hetero 
1 1  GLY n 
1 2  THR n 
1 3  LEU n 
1 4  THR n 
1 5  PRO n 
1 6  GLY n 
1 7  LEU n 
1 8  PRO n 
1 9  GLU n 
1 10 ASP n 
1 11 PHE n 
1 12 LEU n 
1 13 PRO n 
1 14 GLY n 
1 15 HIS n 
1 16 TYR n 
1 17 SME y 
1 17 MET y 
1 18 PRO n 
1 19 GLY n 
# 
_entity_src_gen.entity_id                          1 
_entity_src_gen.pdbx_src_id                        1 
_entity_src_gen.pdbx_alt_source_flag               sample 
_entity_src_gen.pdbx_seq_type                      'Biological sequence' 
_entity_src_gen.pdbx_beg_seq_num                   1 
_entity_src_gen.pdbx_end_seq_num                   19 
_entity_src_gen.gene_src_common_name               ? 
_entity_src_gen.gene_src_genus                     ? 
_entity_src_gen.pdbx_gene_src_gene                 Cseg_2567 
_entity_src_gen.gene_src_species                   ? 
_entity_src_gen.gene_src_strain                    'ATCC 21756 / DSM 7131 / JCM 7823 / NBRC 15250 / LMG 17158 / TK0059' 
_entity_src_gen.gene_src_tissue                    ? 
_entity_src_gen.gene_src_tissue_fraction           ? 
_entity_src_gen.gene_src_details                   ? 
_entity_src_gen.pdbx_gene_src_fragment             ? 
_entity_src_gen.pdbx_gene_src_scientific_name      'Caulobacter segnis' 
_entity_src_gen.pdbx_gene_src_ncbi_taxonomy_id     509190 
_entity_src_gen.pdbx_gene_src_variant              ? 
_entity_src_gen.pdbx_gene_src_cell_line            ? 
_entity_src_gen.pdbx_gene_src_atcc                 21756 
_entity_src_gen.pdbx_gene_src_organ                ? 
_entity_src_gen.pdbx_gene_src_organelle            ? 
_entity_src_gen.pdbx_gene_src_cell                 ? 
_entity_src_gen.pdbx_gene_src_cellular_location    ? 
_entity_src_gen.host_org_common_name               ? 
_entity_src_gen.pdbx_host_org_scientific_name      'Escherichia coli BL21(DE3)' 
_entity_src_gen.pdbx_host_org_ncbi_taxonomy_id     469008 
_entity_src_gen.host_org_genus                     ? 
_entity_src_gen.pdbx_host_org_gene                 ? 
_entity_src_gen.pdbx_host_org_organ                ? 
_entity_src_gen.host_org_species                   ? 
_entity_src_gen.pdbx_host_org_tissue               ? 
_entity_src_gen.pdbx_host_org_tissue_fraction      ? 
_entity_src_gen.pdbx_host_org_strain               ? 
_entity_src_gen.pdbx_host_org_variant              ? 
_entity_src_gen.pdbx_host_org_cell_line            ? 
_entity_src_gen.pdbx_host_org_atcc                 ? 
_entity_src_gen.pdbx_host_org_culture_collection   ? 
_entity_src_gen.pdbx_host_org_cell                 ? 
_entity_src_gen.pdbx_host_org_organelle            ? 
_entity_src_gen.pdbx_host_org_cellular_location    ? 
_entity_src_gen.pdbx_host_org_vector_type          ? 
_entity_src_gen.pdbx_host_org_vector               ? 
_entity_src_gen.host_org_details                   ? 
_entity_src_gen.expression_system_id               ? 
_entity_src_gen.plasmid_name                       ? 
_entity_src_gen.plasmid_details                    ? 
_entity_src_gen.pdbx_description                   ? 
# 
loop_
_chem_comp.id 
_chem_comp.type 
_chem_comp.mon_nstd_flag 
_chem_comp.name 
_chem_comp.pdbx_synonyms 
_chem_comp.formula 
_chem_comp.formula_weight 
ASP 'L-peptide linking' y 'ASPARTIC ACID'        ? 'C4 H7 N O4'     133.103 
CL  non-polymer         . 'CHLORIDE ION'         ? 'Cl -1'          35.453  
GLU 'L-peptide linking' y 'GLUTAMIC ACID'        ? 'C5 H9 N O4'     147.129 
GLY 'peptide linking'   y GLYCINE                ? 'C2 H5 N O2'     75.067  
HIS 'L-peptide linking' y HISTIDINE              ? 'C6 H10 N3 O2 1' 156.162 
HOH non-polymer         . WATER                  ? 'H2 O'           18.015  
LEU 'L-peptide linking' y LEUCINE                ? 'C6 H13 N O2'    131.173 
MET 'L-peptide linking' y METHIONINE             ? 'C5 H11 N O2 S'  149.211 
PHE 'L-peptide linking' y PHENYLALANINE          ? 'C9 H11 N O2'    165.189 
PRO 'L-peptide linking' y PROLINE                ? 'C5 H9 N O2'     115.130 
SME 'L-peptide linking' n 'METHIONINE SULFOXIDE' ? 'C5 H11 N O3 S'  165.211 
THR 'L-peptide linking' y THREONINE              ? 'C4 H9 N O3'     119.119 
TYR 'L-peptide linking' y TYROSINE               ? 'C9 H11 N O3'    181.189 
# 
loop_
_pdbx_poly_seq_scheme.asym_id 
_pdbx_poly_seq_scheme.entity_id 
_pdbx_poly_seq_scheme.seq_id 
_pdbx_poly_seq_scheme.mon_id 
_pdbx_poly_seq_scheme.ndb_seq_num 
_pdbx_poly_seq_scheme.pdb_seq_num 
_pdbx_poly_seq_scheme.auth_seq_num 
_pdbx_poly_seq_scheme.pdb_mon_id 
_pdbx_poly_seq_scheme.auth_mon_id 
_pdbx_poly_seq_scheme.pdb_strand_id 
_pdbx_poly_seq_scheme.pdb_ins_code 
_pdbx_poly_seq_scheme.hetero 
A 1 1  GLY 1  1  1  GLY GLY A . n 
A 1 2  THR 2  2  2  THR THR A . n 
A 1 3  LEU 3  3  3  LEU LEU A . n 
A 1 4  THR 4  4  4  THR THR A . n 
A 1 5  PRO 5  5  5  PRO PRO A . n 
A 1 6  GLY 6  6  6  GLY GLY A . n 
A 1 7  LEU 7  7  7  LEU LEU A . n 
A 1 8  PRO 8  8  8  PRO PRO A . n 
A 1 9  GLU 9  9  9  GLU GLU A . n 
A 1 10 ASP 10 10 10 ASP ASP A . n 
A 1 11 PHE 11 11 11 PHE PHE A . n 
A 1 12 LEU 12 12 12 LEU LEU A . n 
A 1 13 PRO 13 13 13 PRO PRO A . n 
A 1 14 GLY 14 14 14 GLY GLY A . n 
A 1 15 HIS 15 15 15 HIS HIS A . n 
A 1 16 TYR 16 16 16 TYR TYR A . n 
A 1 17 SME 17 17 17 SME SME A . y 
A 1 17 MET 17 17 17 MET MET A . y 
A 1 18 PRO 18 18 18 PRO PRO A . n 
A 1 19 GLY 19 19 19 GLY GLY A . n 
# 
loop_
_pdbx_nonpoly_scheme.asym_id 
_pdbx_nonpoly_scheme.entity_id 
_pdbx_nonpoly_scheme.mon_id 
_pdbx_nonpoly_scheme.ndb_seq_num 
_pdbx_nonpoly_scheme.pdb_seq_num 
_pdbx_nonpoly_scheme.auth_seq_num 
_pdbx_nonpoly_scheme.pdb_mon_id 
_pdbx_nonpoly_scheme.auth_mon_id 
_pdbx_nonpoly_scheme.pdb_strand_id 
_pdbx_nonpoly_scheme.pdb_ins_code 
B 2 CL  1  101 6  CL  CL  A . 
C 3 HOH 1  201 15 HOH HOH A . 
C 3 HOH 2  202 1  HOH HOH A . 
C 3 HOH 3  203 10 HOH HOH A . 
C 3 HOH 4  204 14 HOH HOH A . 
C 3 HOH 5  205 12 HOH HOH A . 
C 3 HOH 6  206 22 HOH HOH A . 
C 3 HOH 7  207 8  HOH HOH A . 
C 3 HOH 8  208 5  HOH HOH A . 
C 3 HOH 9  209 19 HOH HOH A . 
C 3 HOH 10 210 7  HOH HOH A . 
C 3 HOH 11 211 9  HOH HOH A . 
C 3 HOH 12 212 2  HOH HOH A . 
C 3 HOH 13 213 4  HOH HOH A . 
C 3 HOH 14 214 20 HOH HOH A . 
C 3 HOH 15 215 16 HOH HOH A . 
C 3 HOH 16 216 13 HOH HOH A . 
C 3 HOH 17 217 17 HOH HOH A . 
C 3 HOH 18 218 18 HOH HOH A . 
C 3 HOH 19 219 11 HOH HOH A . 
C 3 HOH 20 220 23 HOH HOH A . 
C 3 HOH 21 221 21 HOH HOH A . 
# 
_pdbx_unobs_or_zero_occ_atoms.id               1 
_pdbx_unobs_or_zero_occ_atoms.PDB_model_num    1 
_pdbx_unobs_or_zero_occ_atoms.polymer_flag     Y 
_pdbx_unobs_or_zero_occ_atoms.occupancy_flag   1 
_pdbx_unobs_or_zero_occ_atoms.auth_asym_id     A 
_pdbx_unobs_or_zero_occ_atoms.auth_comp_id     GLU 
_pdbx_unobs_or_zero_occ_atoms.auth_seq_id      9 
_pdbx_unobs_or_zero_occ_atoms.PDB_ins_code     ? 
_pdbx_unobs_or_zero_occ_atoms.auth_atom_id     OE2 
_pdbx_unobs_or_zero_occ_atoms.label_alt_id     ? 
_pdbx_unobs_or_zero_occ_atoms.label_asym_id    A 
_pdbx_unobs_or_zero_occ_atoms.label_comp_id    GLU 
_pdbx_unobs_or_zero_occ_atoms.label_seq_id     9 
_pdbx_unobs_or_zero_occ_atoms.label_atom_id    OE2 
# 
loop_
_software.citation_id 
_software.classification 
_software.compiler_name 
_software.compiler_version 
_software.contact_author 
_software.contact_author_email 
_software.date 
_software.description 
_software.dependencies 
_software.hardware 
_software.language 
_software.location 
_software.mods 
_software.name 
_software.os 
_software.os_version 
_software.type 
_software.version 
_software.pdbx_ordinal 
? 'data reduction'  ? ? ? ? ? ? ? ? ? ? ? XDS         ? ? ? .        1 
? phasing           ? ? ? ? ? ? ? ? ? ? ? SHELX       ? ? ? .        2 
? refinement        ? ? ? ? ? ? ? ? ? ? ? PHENIX      ? ? ? 1.9-1692 3 
? 'data extraction' ? ? ? ? ? ? ? ? ? ? ? PDB_EXTRACT ? ? ? 3.15     4 
? 'model building'  ? ? ? ? ? ? ? ? ? ? ? Coot        ? ? ? 0.8-pre  5 
? 'data scaling'    ? ? ? ? ? ? ? ? ? ? ? XDS         ? ? ? .        6 
# 
_cell.angle_alpha                  90.000 
_cell.angle_alpha_esd              ? 
_cell.angle_beta                   90.000 
_cell.angle_beta_esd               ? 
_cell.angle_gamma                  90.000 
_cell.angle_gamma_esd              ? 
_cell.entry_id                     5D9E 
_cell.details                      ? 
_cell.formula_units_Z              ? 
_cell.length_a                     15.710 
_cell.length_a_esd                 ? 
_cell.length_b                     19.312 
_cell.length_b_esd                 ? 
_cell.length_c                     39.674 
_cell.length_c_esd                 ? 
_cell.volume                       ? 
_cell.volume_esd                   ? 
_cell.Z_PDB                        4 
_cell.reciprocal_angle_alpha       ? 
_cell.reciprocal_angle_beta        ? 
_cell.reciprocal_angle_gamma       ? 
_cell.reciprocal_angle_alpha_esd   ? 
_cell.reciprocal_angle_beta_esd    ? 
_cell.reciprocal_angle_gamma_esd   ? 
_cell.reciprocal_length_a          ? 
_cell.reciprocal_length_b          ? 
_cell.reciprocal_length_c          ? 
_cell.reciprocal_length_a_esd      ? 
_cell.reciprocal_length_b_esd      ? 
_cell.reciprocal_length_c_esd      ? 
_cell.pdbx_unique_axis             ? 
# 
_symmetry.entry_id                         5D9E 
_symmetry.cell_setting                     ? 
_symmetry.Int_Tables_number                19 
_symmetry.space_group_name_Hall            ? 
_symmetry.space_group_name_H-M             'P 21 21 21' 
_symmetry.pdbx_full_space_group_name_H-M   ? 
# 
_exptl.absorpt_coefficient_mu     ? 
_exptl.absorpt_correction_T_max   ? 
_exptl.absorpt_correction_T_min   ? 
_exptl.absorpt_correction_type    ? 
_exptl.absorpt_process_details    ? 
_exptl.entry_id                   5D9E 
_exptl.crystals_number            1 
_exptl.details                    ? 
_exptl.method                     'X-RAY DIFFRACTION' 
_exptl.method_details             ? 
# 
_exptl_crystal.colour                      ? 
_exptl_crystal.density_diffrn              ? 
_exptl_crystal.density_Matthews            1.52 
_exptl_crystal.density_method              ? 
_exptl_crystal.density_percent_sol         19.2 
_exptl_crystal.description                 Rod-shaped 
_exptl_crystal.F_000                       ? 
_exptl_crystal.id                          1 
_exptl_crystal.preparation                 ? 
_exptl_crystal.size_max                    ? 
_exptl_crystal.size_mid                    ? 
_exptl_crystal.size_min                    ? 
_exptl_crystal.size_rad                    ? 
_exptl_crystal.colour_lustre               ? 
_exptl_crystal.colour_modifier             ? 
_exptl_crystal.colour_primary              ? 
_exptl_crystal.density_meas                ? 
_exptl_crystal.density_meas_esd            ? 
_exptl_crystal.density_meas_gt             ? 
_exptl_crystal.density_meas_lt             ? 
_exptl_crystal.density_meas_temp           ? 
_exptl_crystal.density_meas_temp_esd       ? 
_exptl_crystal.density_meas_temp_gt        ? 
_exptl_crystal.density_meas_temp_lt        ? 
_exptl_crystal.pdbx_crystal_image_url      ? 
_exptl_crystal.pdbx_crystal_image_format   ? 
_exptl_crystal.pdbx_mosaicity              ? 
_exptl_crystal.pdbx_mosaicity_esd          ? 
# 
_exptl_crystal_grow.apparatus       ? 
_exptl_crystal_grow.atmosphere      ? 
_exptl_crystal_grow.crystal_id      1 
_exptl_crystal_grow.details         ? 
_exptl_crystal_grow.method          'VAPOR DIFFUSION, SITTING DROP' 
_exptl_crystal_grow.method_ref      ? 
_exptl_crystal_grow.pH              ? 
_exptl_crystal_grow.pressure        ? 
_exptl_crystal_grow.pressure_esd    ? 
_exptl_crystal_grow.seeding         ? 
_exptl_crystal_grow.seeding_ref     ? 
_exptl_crystal_grow.temp            293 
_exptl_crystal_grow.temp_details    ? 
_exptl_crystal_grow.temp_esd        ? 
_exptl_crystal_grow.time            ? 
_exptl_crystal_grow.pdbx_details    'lithium chloride, PEG 3350' 
_exptl_crystal_grow.pdbx_pH_range   ? 
# 
_diffrn.ambient_environment    ? 
_diffrn.ambient_temp           100 
_diffrn.ambient_temp_details   ? 
_diffrn.ambient_temp_esd       ? 
_diffrn.crystal_id             1 
_diffrn.crystal_support        ? 
_diffrn.crystal_treatment      ? 
_diffrn.details                ? 
_diffrn.id                     1 
_diffrn.ambient_pressure       ? 
_diffrn.ambient_pressure_esd   ? 
_diffrn.ambient_pressure_gt    ? 
_diffrn.ambient_pressure_lt    ? 
_diffrn.ambient_temp_gt        ? 
_diffrn.ambient_temp_lt        ? 
# 
_diffrn_detector.details                      ? 
_diffrn_detector.detector                     PIXEL 
_diffrn_detector.diffrn_id                    1 
_diffrn_detector.type                         'PSI PILATUS 6M' 
_diffrn_detector.area_resol_mean              ? 
_diffrn_detector.dtime                        ? 
_diffrn_detector.pdbx_frames_total            ? 
_diffrn_detector.pdbx_collection_time_total   ? 
_diffrn_detector.pdbx_collection_date         2013-02-14 
# 
_diffrn_radiation.collimation                      ? 
_diffrn_radiation.diffrn_id                        1 
_diffrn_radiation.filter_edge                      ? 
_diffrn_radiation.inhomogeneity                    ? 
_diffrn_radiation.monochromator                    'Si-111 crystal' 
_diffrn_radiation.polarisn_norm                    ? 
_diffrn_radiation.polarisn_ratio                   ? 
_diffrn_radiation.probe                            ? 
_diffrn_radiation.type                             ? 
_diffrn_radiation.xray_symbol                      ? 
_diffrn_radiation.wavelength_id                    1 
_diffrn_radiation.pdbx_monochromatic_or_laue_m_l   M 
_diffrn_radiation.pdbx_wavelength_list             ? 
_diffrn_radiation.pdbx_wavelength                  ? 
_diffrn_radiation.pdbx_diffrn_protocol             'SINGLE WAVELENGTH' 
_diffrn_radiation.pdbx_analyzer                    ? 
_diffrn_radiation.pdbx_scattering_type             x-ray 
# 
_diffrn_radiation_wavelength.id           1 
_diffrn_radiation_wavelength.wavelength   0.800 
_diffrn_radiation_wavelength.wt           1.0 
# 
_diffrn_source.current                     ? 
_diffrn_source.details                     ? 
_diffrn_source.diffrn_id                   1 
_diffrn_source.power                       ? 
_diffrn_source.size                        ? 
_diffrn_source.source                      SYNCHROTRON 
_diffrn_source.target                      ? 
_diffrn_source.type                        'BESSY BEAMLINE 14.1' 
_diffrn_source.voltage                     ? 
_diffrn_source.take-off_angle              ? 
_diffrn_source.pdbx_wavelength_list        0.800 
_diffrn_source.pdbx_wavelength             ? 
_diffrn_source.pdbx_synchrotron_beamline   14.1 
_diffrn_source.pdbx_synchrotron_site       BESSY 
# 
_reflns.B_iso_Wilson_estimate            ? 
_reflns.entry_id                         5D9E 
_reflns.data_reduction_details           ? 
_reflns.data_reduction_method            ? 
_reflns.d_resolution_high                0.859 
_reflns.d_resolution_low                 19.84 
_reflns.details                          ? 
_reflns.limit_h_max                      ? 
_reflns.limit_h_min                      ? 
_reflns.limit_k_max                      ? 
_reflns.limit_k_min                      ? 
_reflns.limit_l_max                      ? 
_reflns.limit_l_min                      ? 
_reflns.number_all                       ? 
_reflns.number_obs                       10086 
_reflns.observed_criterion               ? 
_reflns.observed_criterion_F_max         ? 
_reflns.observed_criterion_F_min         ? 
_reflns.observed_criterion_I_max         ? 
_reflns.observed_criterion_I_min         ? 
_reflns.observed_criterion_sigma_F       ? 
_reflns.observed_criterion_sigma_I       ? 
_reflns.percent_possible_obs             93.2 
_reflns.R_free_details                   ? 
_reflns.Rmerge_F_all                     ? 
_reflns.Rmerge_F_obs                     ? 
_reflns.Friedel_coverage                 ? 
_reflns.number_gt                        ? 
_reflns.threshold_expression             ? 
_reflns.pdbx_redundancy                  5.7 
_reflns.pdbx_Rmerge_I_obs                0.035 
_reflns.pdbx_Rmerge_I_all                ? 
_reflns.pdbx_Rsym_value                  ? 
_reflns.pdbx_netI_over_av_sigmaI         ? 
_reflns.pdbx_netI_over_sigmaI            20.3 
_reflns.pdbx_res_netI_over_av_sigmaI_2   ? 
_reflns.pdbx_res_netI_over_sigmaI_2      ? 
_reflns.pdbx_chi_squared                 ? 
_reflns.pdbx_scaling_rejects             ? 
_reflns.pdbx_d_res_high_opt              ? 
_reflns.pdbx_d_res_low_opt               ? 
_reflns.pdbx_d_res_opt_method            ? 
_reflns.phase_calculation_details        ? 
_reflns.pdbx_Rrim_I_all                  ? 
_reflns.pdbx_Rpim_I_all                  ? 
_reflns.pdbx_d_opt                       ? 
_reflns.pdbx_number_measured_all         ? 
_reflns.pdbx_diffrn_id                   1 
_reflns.pdbx_ordinal                     1 
_reflns.pdbx_CC_half                     ? 
_reflns.pdbx_R_split                     ? 
# 
_reflns_shell.d_res_high                  0.86 
_reflns_shell.d_res_low                   0.87 
_reflns_shell.meanI_over_sigI_all         ? 
_reflns_shell.meanI_over_sigI_obs         2.7 
_reflns_shell.number_measured_all         ? 
_reflns_shell.number_measured_obs         ? 
_reflns_shell.number_possible             ? 
_reflns_shell.number_unique_all           ? 
_reflns_shell.number_unique_obs           ? 
_reflns_shell.percent_possible_all        46.6 
_reflns_shell.percent_possible_obs        ? 
_reflns_shell.Rmerge_F_all                ? 
_reflns_shell.Rmerge_F_obs                ? 
_reflns_shell.Rmerge_I_all                ? 
_reflns_shell.Rmerge_I_obs                0.38 
_reflns_shell.meanI_over_sigI_gt          ? 
_reflns_shell.meanI_over_uI_all           ? 
_reflns_shell.meanI_over_uI_gt            ? 
_reflns_shell.number_measured_gt          ? 
_reflns_shell.number_unique_gt            ? 
_reflns_shell.percent_possible_gt         ? 
_reflns_shell.Rmerge_F_gt                 ? 
_reflns_shell.Rmerge_I_gt                 ? 
_reflns_shell.pdbx_redundancy             3.1 
_reflns_shell.pdbx_Rsym_value             ? 
_reflns_shell.pdbx_chi_squared            ? 
_reflns_shell.pdbx_netI_over_sigmaI_all   ? 
_reflns_shell.pdbx_netI_over_sigmaI_obs   ? 
_reflns_shell.pdbx_Rrim_I_all             ? 
_reflns_shell.pdbx_Rpim_I_all             ? 
_reflns_shell.pdbx_rejects                ? 
_reflns_shell.pdbx_ordinal                1 
_reflns_shell.pdbx_diffrn_id              1 
_reflns_shell.pdbx_CC_half                ? 
_reflns_shell.pdbx_R_split                ? 
# 
_refine.aniso_B[1][1]                            ? 
_refine.aniso_B[1][2]                            ? 
_refine.aniso_B[1][3]                            ? 
_refine.aniso_B[2][2]                            ? 
_refine.aniso_B[2][3]                            ? 
_refine.aniso_B[3][3]                            ? 
_refine.B_iso_max                                34.420 
_refine.B_iso_mean                               7.0685 
_refine.B_iso_min                                3.820 
_refine.correlation_coeff_Fo_to_Fc               ? 
_refine.correlation_coeff_Fo_to_Fc_free          ? 
_refine.details                                  ? 
_refine.diff_density_max                         ? 
_refine.diff_density_max_esd                     ? 
_refine.diff_density_min                         ? 
_refine.diff_density_min_esd                     ? 
_refine.diff_density_rms                         ? 
_refine.diff_density_rms_esd                     ? 
_refine.entry_id                                 5D9E 
_refine.pdbx_refine_id                           'X-RAY DIFFRACTION' 
_refine.ls_abs_structure_details                 ? 
_refine.ls_abs_structure_Flack                   ? 
_refine.ls_abs_structure_Flack_esd               ? 
_refine.ls_abs_structure_Rogers                  ? 
_refine.ls_abs_structure_Rogers_esd              ? 
_refine.ls_d_res_high                            0.8590 
_refine.ls_d_res_low                             19.8370 
_refine.ls_extinction_coef                       ? 
_refine.ls_extinction_coef_esd                   ? 
_refine.ls_extinction_expression                 ? 
_refine.ls_extinction_method                     ? 
_refine.ls_goodness_of_fit_all                   ? 
_refine.ls_goodness_of_fit_all_esd               ? 
_refine.ls_goodness_of_fit_obs                   ? 
_refine.ls_goodness_of_fit_obs_esd               ? 
_refine.ls_hydrogen_treatment                    ? 
_refine.ls_matrix_type                           ? 
_refine.ls_number_constraints                    ? 
_refine.ls_number_parameters                     ? 
_refine.ls_number_reflns_all                     ? 
_refine.ls_number_reflns_obs                     10045 
_refine.ls_number_reflns_R_free                  493 
_refine.ls_number_reflns_R_work                  9552 
_refine.ls_number_restraints                     ? 
_refine.ls_percent_reflns_obs                    92.9300 
_refine.ls_percent_reflns_R_free                 4.9100 
_refine.ls_R_factor_all                          ? 
_refine.ls_R_factor_obs                          0.0987 
_refine.ls_R_factor_R_free                       0.1071 
_refine.ls_R_factor_R_free_error                 ? 
_refine.ls_R_factor_R_free_error_details         ? 
_refine.ls_R_factor_R_work                       0.0983 
_refine.ls_R_Fsqd_factor_obs                     ? 
_refine.ls_R_I_factor_obs                        ? 
_refine.ls_redundancy_reflns_all                 ? 
_refine.ls_redundancy_reflns_obs                 ? 
_refine.ls_restrained_S_all                      ? 
_refine.ls_restrained_S_obs                      ? 
_refine.ls_shift_over_esd_max                    ? 
_refine.ls_shift_over_esd_mean                   ? 
_refine.ls_structure_factor_coef                 ? 
_refine.ls_weighting_details                     ? 
_refine.ls_weighting_scheme                      ? 
_refine.ls_wR_factor_all                         ? 
_refine.ls_wR_factor_obs                         ? 
_refine.ls_wR_factor_R_free                      ? 
_refine.ls_wR_factor_R_work                      ? 
_refine.occupancy_max                            ? 
_refine.occupancy_min                            ? 
_refine.solvent_model_details                    'FLAT BULK SOLVENT MODEL' 
_refine.solvent_model_param_bsol                 ? 
_refine.solvent_model_param_ksol                 ? 
_refine.ls_R_factor_gt                           ? 
_refine.ls_goodness_of_fit_gt                    ? 
_refine.ls_goodness_of_fit_ref                   ? 
_refine.ls_shift_over_su_max                     ? 
_refine.ls_shift_over_su_max_lt                  ? 
_refine.ls_shift_over_su_mean                    ? 
_refine.ls_shift_over_su_mean_lt                 ? 
_refine.pdbx_ls_sigma_I                          ? 
_refine.pdbx_ls_sigma_F                          1.350 
_refine.pdbx_ls_sigma_Fsqd                       ? 
_refine.pdbx_data_cutoff_high_absF               ? 
_refine.pdbx_data_cutoff_high_rms_absF           ? 
_refine.pdbx_data_cutoff_low_absF                ? 
_refine.pdbx_isotropic_thermal_model             ? 
_refine.pdbx_ls_cross_valid_method               'FREE R-VALUE' 
_refine.pdbx_method_to_determine_struct          'AB INITIO PHASING' 
_refine.pdbx_starting_model                      ? 
_refine.pdbx_stereochemistry_target_values       ML 
_refine.pdbx_R_Free_selection_details            'Random selection' 
_refine.pdbx_stereochem_target_val_spec_case     ? 
_refine.pdbx_overall_ESU_R                       ? 
_refine.pdbx_overall_ESU_R_Free                  ? 
_refine.pdbx_solvent_vdw_probe_radii             1.1100 
_refine.pdbx_solvent_ion_probe_radii             ? 
_refine.pdbx_solvent_shrinkage_radii             0.9000 
_refine.pdbx_real_space_R                        ? 
_refine.pdbx_density_correlation                 ? 
_refine.pdbx_pd_number_of_powder_patterns        ? 
_refine.pdbx_pd_number_of_points                 ? 
_refine.pdbx_pd_meas_number_of_points            ? 
_refine.pdbx_pd_proc_ls_prof_R_factor            ? 
_refine.pdbx_pd_proc_ls_prof_wR_factor           ? 
_refine.pdbx_pd_Marquardt_correlation_coeff      ? 
_refine.pdbx_pd_Fsqrd_R_factor                   ? 
_refine.pdbx_pd_ls_matrix_band_width             ? 
_refine.pdbx_overall_phase_error                 11.7800 
_refine.pdbx_overall_SU_R_free_Cruickshank_DPI   ? 
_refine.pdbx_overall_SU_R_free_Blow_DPI          ? 
_refine.pdbx_overall_SU_R_Blow_DPI               ? 
_refine.pdbx_TLS_residual_ADP_flag               ? 
_refine.pdbx_diffrn_id                           1 
_refine.overall_SU_B                             ? 
_refine.overall_SU_ML                            0.0600 
_refine.overall_SU_R_Cruickshank_DPI             ? 
_refine.overall_SU_R_free                        ? 
_refine.overall_FOM_free_R_set                   ? 
_refine.overall_FOM_work_R_set                   ? 
_refine.pdbx_average_fsc_overall                 ? 
_refine.pdbx_average_fsc_work                    ? 
_refine.pdbx_average_fsc_free                    ? 
# 
_refine_hist.cycle_id                         final 
_refine_hist.pdbx_refine_id                   'X-RAY DIFFRACTION' 
_refine_hist.d_res_high                       0.8590 
_refine_hist.d_res_low                        19.8370 
_refine_hist.pdbx_number_atoms_ligand         1 
_refine_hist.number_atoms_solvent             21 
_refine_hist.number_atoms_total               171 
_refine_hist.pdbx_number_residues_total       19 
_refine_hist.pdbx_B_iso_mean_ligand           7.02 
_refine_hist.pdbx_B_iso_mean_solvent          14.56 
_refine_hist.pdbx_number_atoms_protein        149 
_refine_hist.pdbx_number_atoms_nucleic_acid   0 
# 
loop_
_refine_ls_restr.pdbx_refine_id 
_refine_ls_restr.criterion 
_refine_ls_restr.dev_ideal 
_refine_ls_restr.dev_ideal_target 
_refine_ls_restr.number 
_refine_ls_restr.rejects 
_refine_ls_restr.type 
_refine_ls_restr.weight 
_refine_ls_restr.pdbx_restraint_function 
'X-RAY DIFFRACTION' ? 0.009  ? 165 ? f_bond_d           ? ? 
'X-RAY DIFFRACTION' ? 1.758  ? 228 ? f_angle_d          ? ? 
'X-RAY DIFFRACTION' ? 0.067  ? 22  ? f_chiral_restr     ? ? 
'X-RAY DIFFRACTION' ? 0.009  ? 31  ? f_plane_restr      ? ? 
'X-RAY DIFFRACTION' ? 14.565 ? 65  ? f_dihedral_angle_d ? ? 
# 
loop_
_refine_ls_shell.pdbx_refine_id 
_refine_ls_shell.d_res_high 
_refine_ls_shell.d_res_low 
_refine_ls_shell.number_reflns_all 
_refine_ls_shell.number_reflns_obs 
_refine_ls_shell.number_reflns_R_free 
_refine_ls_shell.number_reflns_R_work 
_refine_ls_shell.percent_reflns_obs 
_refine_ls_shell.percent_reflns_R_free 
_refine_ls_shell.R_factor_all 
_refine_ls_shell.R_factor_obs 
_refine_ls_shell.R_factor_R_free 
_refine_ls_shell.R_factor_R_free_error 
_refine_ls_shell.R_factor_R_work 
_refine_ls_shell.redundancy_reflns_all 
_refine_ls_shell.redundancy_reflns_obs 
_refine_ls_shell.wR_factor_all 
_refine_ls_shell.wR_factor_obs 
_refine_ls_shell.wR_factor_R_free 
_refine_ls_shell.wR_factor_R_work 
_refine_ls_shell.pdbx_total_number_of_bins_used 
_refine_ls_shell.pdbx_phase_error 
_refine_ls_shell.pdbx_fsc_work 
_refine_ls_shell.pdbx_fsc_free 
'X-RAY DIFFRACTION' 0.8594 0.9459  1866 . 98  1768 71.0000  . . . 0.1937 . 0.1563 . . . . . . 4 . . . 
'X-RAY DIFFRACTION' 0.9459 1.0827  2670 . 127 2543 100.0000 . . . 0.1205 . 0.1035 . . . . . . 4 . . . 
'X-RAY DIFFRACTION' 1.0827 1.3641  2677 . 130 2547 100.0000 . . . 0.1206 . 0.0940 . . . . . . 4 . . . 
'X-RAY DIFFRACTION' 1.3641 19.8423 2832 . 138 2694 100.0000 . . . 0.0909 . 0.0931 . . . . . . 4 . . . 
# 
_struct.entry_id                     5D9E 
_struct.title                        'Crystal Structure of the Proline-rich Lasso Peptide Caulosegnin II' 
_struct.pdbx_model_details           ? 
_struct.pdbx_formula_weight          ? 
_struct.pdbx_formula_weight_method   ? 
_struct.pdbx_model_type_details      ? 
_struct.pdbx_CASP_flag               ? 
# 
_struct_keywords.entry_id        5D9E 
_struct_keywords.text            'Lasso peptide, unknown function' 
_struct_keywords.pdbx_keywords   'UNKNOWN FUNCTION' 
# 
loop_
_struct_asym.id 
_struct_asym.pdbx_blank_PDB_chainid_flag 
_struct_asym.pdbx_modified 
_struct_asym.entity_id 
_struct_asym.details 
A N N 1 ? 
B N N 2 ? 
C N N 3 ? 
# 
_struct_ref.id                         1 
_struct_ref.db_name                    UNP 
_struct_ref.db_code                    D5VKJ8_CAUST 
_struct_ref.pdbx_db_accession          D5VKJ8 
_struct_ref.pdbx_db_isoform            ? 
_struct_ref.entity_id                  1 
_struct_ref.pdbx_seq_one_letter_code   GTLTPGLPEDFLPGHYMPG 
_struct_ref.pdbx_align_begin           19 
# 
_struct_ref_seq.align_id                      1 
_struct_ref_seq.ref_id                        1 
_struct_ref_seq.pdbx_PDB_id_code              5D9E 
_struct_ref_seq.pdbx_strand_id                A 
_struct_ref_seq.seq_align_beg                 1 
_struct_ref_seq.pdbx_seq_align_beg_ins_code   ? 
_struct_ref_seq.seq_align_end                 19 
_struct_ref_seq.pdbx_seq_align_end_ins_code   ? 
_struct_ref_seq.pdbx_db_accession             D5VKJ8 
_struct_ref_seq.db_align_beg                  19 
_struct_ref_seq.pdbx_db_align_beg_ins_code    ? 
_struct_ref_seq.db_align_end                  37 
_struct_ref_seq.pdbx_db_align_end_ins_code    ? 
_struct_ref_seq.pdbx_auth_seq_align_beg       1 
_struct_ref_seq.pdbx_auth_seq_align_end       19 
# 
_pdbx_struct_assembly.id                   1 
_pdbx_struct_assembly.details              author_and_software_defined_assembly 
_pdbx_struct_assembly.method_details       PISA 
_pdbx_struct_assembly.oligomeric_details   monomeric 
_pdbx_struct_assembly.oligomeric_count     1 
# 
loop_
_pdbx_struct_assembly_prop.biol_id 
_pdbx_struct_assembly_prop.type 
_pdbx_struct_assembly_prop.value 
_pdbx_struct_assembly_prop.details 
1 'ABSA (A^2)' 70   ? 
1 MORE         -4   ? 
1 'SSA (A^2)'  1880 ? 
# 
_pdbx_struct_assembly_gen.assembly_id       1 
_pdbx_struct_assembly_gen.oper_expression   1 
_pdbx_struct_assembly_gen.asym_id_list      A,B,C 
# 
_pdbx_struct_oper_list.id                   1 
_pdbx_struct_oper_list.type                 'identity operation' 
_pdbx_struct_oper_list.name                 1_555 
_pdbx_struct_oper_list.symmetry_operation   x,y,z 
_pdbx_struct_oper_list.matrix[1][1]         1.0000000000 
_pdbx_struct_oper_list.matrix[1][2]         0.0000000000 
_pdbx_struct_oper_list.matrix[1][3]         0.0000000000 
_pdbx_struct_oper_list.vector[1]            0.0000000000 
_pdbx_struct_oper_list.matrix[2][1]         0.0000000000 
_pdbx_struct_oper_list.matrix[2][2]         1.0000000000 
_pdbx_struct_oper_list.matrix[2][3]         0.0000000000 
_pdbx_struct_oper_list.vector[2]            0.0000000000 
_pdbx_struct_oper_list.matrix[3][1]         0.0000000000 
_pdbx_struct_oper_list.matrix[3][2]         0.0000000000 
_pdbx_struct_oper_list.matrix[3][3]         1.0000000000 
_pdbx_struct_oper_list.vector[3]            0.0000000000 
# 
loop_
_struct_conn.id 
_struct_conn.conn_type_id 
_struct_conn.pdbx_leaving_atom_flag 
_struct_conn.pdbx_PDB_id 
_struct_conn.ptnr1_label_asym_id 
_struct_conn.ptnr1_label_comp_id 
_struct_conn.ptnr1_label_seq_id 
_struct_conn.ptnr1_label_atom_id 
_struct_conn.pdbx_ptnr1_label_alt_id 
_struct_conn.pdbx_ptnr1_PDB_ins_code 
_struct_conn.pdbx_ptnr1_standard_comp_id 
_struct_conn.ptnr1_symmetry 
_struct_conn.ptnr2_label_asym_id 
_struct_conn.ptnr2_label_comp_id 
_struct_conn.ptnr2_label_seq_id 
_struct_conn.ptnr2_label_atom_id 
_struct_conn.pdbx_ptnr2_label_alt_id 
_struct_conn.pdbx_ptnr2_PDB_ins_code 
_struct_conn.ptnr1_auth_asym_id 
_struct_conn.ptnr1_auth_comp_id 
_struct_conn.ptnr1_auth_seq_id 
_struct_conn.ptnr2_auth_asym_id 
_struct_conn.ptnr2_auth_comp_id 
_struct_conn.ptnr2_auth_seq_id 
_struct_conn.ptnr2_symmetry 
_struct_conn.pdbx_ptnr3_label_atom_id 
_struct_conn.pdbx_ptnr3_label_seq_id 
_struct_conn.pdbx_ptnr3_label_comp_id 
_struct_conn.pdbx_ptnr3_label_asym_id 
_struct_conn.pdbx_ptnr3_label_alt_id 
_struct_conn.pdbx_ptnr3_PDB_ins_code 
_struct_conn.details 
_struct_conn.pdbx_dist_value 
_struct_conn.pdbx_value_order 
_struct_conn.pdbx_role 
covale1 covale both ? A TYR 16 C ? ? ? 1_555 A SME 17 N A ? A TYR 16 A SME 17 1_555 ? ? ? ? ? ? ? 1.330 ? ? 
covale2 covale both ? A SME 17 C A ? ? 1_555 A PRO 18 N ? ? A SME 17 A PRO 18 1_555 ? ? ? ? ? ? ? 1.343 ? ? 
# 
_struct_conn_type.id          covale 
_struct_conn_type.criteria    ? 
_struct_conn_type.reference   ? 
# 
_pdbx_modification_feature.ordinal                            1 
_pdbx_modification_feature.label_comp_id                      SME 
_pdbx_modification_feature.label_asym_id                      A 
_pdbx_modification_feature.label_seq_id                       17 
_pdbx_modification_feature.label_alt_id                       A 
_pdbx_modification_feature.modified_residue_label_comp_id     . 
_pdbx_modification_feature.modified_residue_label_asym_id     . 
_pdbx_modification_feature.modified_residue_label_seq_id      . 
_pdbx_modification_feature.modified_residue_label_alt_id      . 
_pdbx_modification_feature.auth_comp_id                       SME 
_pdbx_modification_feature.auth_asym_id                       A 
_pdbx_modification_feature.auth_seq_id                        17 
_pdbx_modification_feature.PDB_ins_code                       ? 
_pdbx_modification_feature.symmetry                           1_555 
_pdbx_modification_feature.modified_residue_auth_comp_id      . 
_pdbx_modification_feature.modified_residue_auth_asym_id      . 
_pdbx_modification_feature.modified_residue_auth_seq_id       . 
_pdbx_modification_feature.modified_residue_PDB_ins_code      . 
_pdbx_modification_feature.modified_residue_symmetry          . 
_pdbx_modification_feature.comp_id_linking_atom               . 
_pdbx_modification_feature.modified_residue_id_linking_atom   . 
_pdbx_modification_feature.modified_residue_id                MET 
_pdbx_modification_feature.ref_pcm_id                         1 
_pdbx_modification_feature.ref_comp_id                        SME 
_pdbx_modification_feature.type                               Oxidation 
_pdbx_modification_feature.category                           'Named protein modification' 
# 
_struct_sheet.id               AA1 
_struct_sheet.type             ? 
_struct_sheet.number_strands   2 
_struct_sheet.details          ? 
# 
_struct_sheet_order.sheet_id     AA1 
_struct_sheet_order.range_id_1   1 
_struct_sheet_order.range_id_2   2 
_struct_sheet_order.offset       ? 
_struct_sheet_order.sense        anti-parallel 
# 
loop_
_struct_sheet_range.sheet_id 
_struct_sheet_range.id 
_struct_sheet_range.beg_label_comp_id 
_struct_sheet_range.beg_label_asym_id 
_struct_sheet_range.beg_label_seq_id 
_struct_sheet_range.pdbx_beg_PDB_ins_code 
_struct_sheet_range.end_label_comp_id 
_struct_sheet_range.end_label_asym_id 
_struct_sheet_range.end_label_seq_id 
_struct_sheet_range.pdbx_end_PDB_ins_code 
_struct_sheet_range.beg_auth_comp_id 
_struct_sheet_range.beg_auth_asym_id 
_struct_sheet_range.beg_auth_seq_id 
_struct_sheet_range.end_auth_comp_id 
_struct_sheet_range.end_auth_asym_id 
_struct_sheet_range.end_auth_seq_id 
AA1 1 LEU A 7  ? PRO A 8  ? LEU A 7  PRO A 8  
AA1 2 HIS A 15 ? TYR A 16 ? HIS A 15 TYR A 16 
# 
_pdbx_struct_sheet_hbond.sheet_id                AA1 
_pdbx_struct_sheet_hbond.range_id_1              1 
_pdbx_struct_sheet_hbond.range_id_2              2 
_pdbx_struct_sheet_hbond.range_1_label_atom_id   N 
_pdbx_struct_sheet_hbond.range_1_label_comp_id   LEU 
_pdbx_struct_sheet_hbond.range_1_label_asym_id   A 
_pdbx_struct_sheet_hbond.range_1_label_seq_id    7 
_pdbx_struct_sheet_hbond.range_1_PDB_ins_code    ? 
_pdbx_struct_sheet_hbond.range_1_auth_atom_id    N 
_pdbx_struct_sheet_hbond.range_1_auth_comp_id    LEU 
_pdbx_struct_sheet_hbond.range_1_auth_asym_id    A 
_pdbx_struct_sheet_hbond.range_1_auth_seq_id     7 
_pdbx_struct_sheet_hbond.range_2_label_atom_id   O 
_pdbx_struct_sheet_hbond.range_2_label_comp_id   TYR 
_pdbx_struct_sheet_hbond.range_2_label_asym_id   A 
_pdbx_struct_sheet_hbond.range_2_label_seq_id    16 
_pdbx_struct_sheet_hbond.range_2_PDB_ins_code    ? 
_pdbx_struct_sheet_hbond.range_2_auth_atom_id    O 
_pdbx_struct_sheet_hbond.range_2_auth_comp_id    TYR 
_pdbx_struct_sheet_hbond.range_2_auth_asym_id    A 
_pdbx_struct_sheet_hbond.range_2_auth_seq_id     16 
# 
_struct_site.id                   AC1 
_struct_site.pdbx_evidence_code   Software 
_struct_site.pdbx_auth_asym_id    A 
_struct_site.pdbx_auth_comp_id    CL 
_struct_site.pdbx_auth_seq_id     101 
_struct_site.pdbx_auth_ins_code   ? 
_struct_site.pdbx_num_residues    2 
_struct_site.details              'binding site for residue CL A 101' 
# 
loop_
_struct_site_gen.id 
_struct_site_gen.site_id 
_struct_site_gen.pdbx_num_res 
_struct_site_gen.label_comp_id 
_struct_site_gen.label_asym_id 
_struct_site_gen.label_seq_id 
_struct_site_gen.pdbx_auth_ins_code 
_struct_site_gen.auth_comp_id 
_struct_site_gen.auth_asym_id 
_struct_site_gen.auth_seq_id 
_struct_site_gen.label_atom_id 
_struct_site_gen.label_alt_id 
_struct_site_gen.symmetry 
_struct_site_gen.details 
1 AC1 2 HIS A 15 ? HIS A 15  . ? 1_555 ? 
2 AC1 2 HOH C .  ? HOH A 219 . ? 1_555 ? 
# 
_pdbx_entry_details.entry_id                   5D9E 
_pdbx_entry_details.compound_details           ? 
_pdbx_entry_details.source_details             ? 
_pdbx_entry_details.nonpolymer_details         ? 
_pdbx_entry_details.sequence_details           ? 
_pdbx_entry_details.has_ligand_of_interest     ? 
_pdbx_entry_details.has_protein_modification   Y 
# 
_pdbx_validate_close_contact.id               1 
_pdbx_validate_close_contact.PDB_model_num    1 
_pdbx_validate_close_contact.auth_atom_id_1   N 
_pdbx_validate_close_contact.auth_asym_id_1   A 
_pdbx_validate_close_contact.auth_comp_id_1   GLY 
_pdbx_validate_close_contact.auth_seq_id_1    1 
_pdbx_validate_close_contact.PDB_ins_code_1   ? 
_pdbx_validate_close_contact.label_alt_id_1   ? 
_pdbx_validate_close_contact.auth_atom_id_2   CD 
_pdbx_validate_close_contact.auth_asym_id_2   A 
_pdbx_validate_close_contact.auth_comp_id_2   GLU 
_pdbx_validate_close_contact.auth_seq_id_2    9 
_pdbx_validate_close_contact.PDB_ins_code_2   ? 
_pdbx_validate_close_contact.label_alt_id_2   ? 
_pdbx_validate_close_contact.dist             1.35 
# 
_pdbx_struct_mod_residue.id               1 
_pdbx_struct_mod_residue.label_asym_id    A 
_pdbx_struct_mod_residue.label_comp_id    SME 
_pdbx_struct_mod_residue.label_seq_id     17 
_pdbx_struct_mod_residue.auth_asym_id     A 
_pdbx_struct_mod_residue.auth_comp_id     SME 
_pdbx_struct_mod_residue.auth_seq_id      17 
_pdbx_struct_mod_residue.PDB_ins_code     ? 
_pdbx_struct_mod_residue.parent_comp_id   MET 
_pdbx_struct_mod_residue.details          'modified residue' 
# 
loop_
_chem_comp_atom.comp_id 
_chem_comp_atom.atom_id 
_chem_comp_atom.type_symbol 
_chem_comp_atom.pdbx_aromatic_flag 
_chem_comp_atom.pdbx_stereo_config 
_chem_comp_atom.pdbx_ordinal 
ASP N    N  N N 1   
ASP CA   C  N S 2   
ASP C    C  N N 3   
ASP O    O  N N 4   
ASP CB   C  N N 5   
ASP CG   C  N N 6   
ASP OD1  O  N N 7   
ASP OD2  O  N N 8   
ASP OXT  O  N N 9   
ASP H    H  N N 10  
ASP H2   H  N N 11  
ASP HA   H  N N 12  
ASP HB2  H  N N 13  
ASP HB3  H  N N 14  
ASP HD2  H  N N 15  
ASP HXT  H  N N 16  
CL  CL   CL N N 17  
GLU N    N  N N 18  
GLU CA   C  N S 19  
GLU C    C  N N 20  
GLU O    O  N N 21  
GLU CB   C  N N 22  
GLU CG   C  N N 23  
GLU CD   C  N N 24  
GLU OE1  O  N N 25  
GLU OE2  O  N N 26  
GLU OXT  O  N N 27  
GLU H    H  N N 28  
GLU H2   H  N N 29  
GLU HA   H  N N 30  
GLU HB2  H  N N 31  
GLU HB3  H  N N 32  
GLU HG2  H  N N 33  
GLU HG3  H  N N 34  
GLU HE2  H  N N 35  
GLU HXT  H  N N 36  
GLY N    N  N N 37  
GLY CA   C  N N 38  
GLY C    C  N N 39  
GLY O    O  N N 40  
GLY OXT  O  N N 41  
GLY H    H  N N 42  
GLY H2   H  N N 43  
GLY HA2  H  N N 44  
GLY HA3  H  N N 45  
GLY HXT  H  N N 46  
HIS N    N  N N 47  
HIS CA   C  N S 48  
HIS C    C  N N 49  
HIS O    O  N N 50  
HIS CB   C  N N 51  
HIS CG   C  Y N 52  
HIS ND1  N  Y N 53  
HIS CD2  C  Y N 54  
HIS CE1  C  Y N 55  
HIS NE2  N  Y N 56  
HIS OXT  O  N N 57  
HIS H    H  N N 58  
HIS H2   H  N N 59  
HIS HA   H  N N 60  
HIS HB2  H  N N 61  
HIS HB3  H  N N 62  
HIS HD1  H  N N 63  
HIS HD2  H  N N 64  
HIS HE1  H  N N 65  
HIS HE2  H  N N 66  
HIS HXT  H  N N 67  
HOH O    O  N N 68  
HOH H1   H  N N 69  
HOH H2   H  N N 70  
LEU N    N  N N 71  
LEU CA   C  N S 72  
LEU C    C  N N 73  
LEU O    O  N N 74  
LEU CB   C  N N 75  
LEU CG   C  N N 76  
LEU CD1  C  N N 77  
LEU CD2  C  N N 78  
LEU OXT  O  N N 79  
LEU H    H  N N 80  
LEU H2   H  N N 81  
LEU HA   H  N N 82  
LEU HB2  H  N N 83  
LEU HB3  H  N N 84  
LEU HG   H  N N 85  
LEU HD11 H  N N 86  
LEU HD12 H  N N 87  
LEU HD13 H  N N 88  
LEU HD21 H  N N 89  
LEU HD22 H  N N 90  
LEU HD23 H  N N 91  
LEU HXT  H  N N 92  
MET N    N  N N 93  
MET CA   C  N S 94  
MET C    C  N N 95  
MET O    O  N N 96  
MET CB   C  N N 97  
MET CG   C  N N 98  
MET SD   S  N N 99  
MET CE   C  N N 100 
MET OXT  O  N N 101 
MET H    H  N N 102 
MET H2   H  N N 103 
MET HA   H  N N 104 
MET HB2  H  N N 105 
MET HB3  H  N N 106 
MET HG2  H  N N 107 
MET HG3  H  N N 108 
MET HE1  H  N N 109 
MET HE2  H  N N 110 
MET HE3  H  N N 111 
MET HXT  H  N N 112 
PHE N    N  N N 113 
PHE CA   C  N S 114 
PHE C    C  N N 115 
PHE O    O  N N 116 
PHE CB   C  N N 117 
PHE CG   C  Y N 118 
PHE CD1  C  Y N 119 
PHE CD2  C  Y N 120 
PHE CE1  C  Y N 121 
PHE CE2  C  Y N 122 
PHE CZ   C  Y N 123 
PHE OXT  O  N N 124 
PHE H    H  N N 125 
PHE H2   H  N N 126 
PHE HA   H  N N 127 
PHE HB2  H  N N 128 
PHE HB3  H  N N 129 
PHE HD1  H  N N 130 
PHE HD2  H  N N 131 
PHE HE1  H  N N 132 
PHE HE2  H  N N 133 
PHE HZ   H  N N 134 
PHE HXT  H  N N 135 
PRO N    N  N N 136 
PRO CA   C  N S 137 
PRO C    C  N N 138 
PRO O    O  N N 139 
PRO CB   C  N N 140 
PRO CG   C  N N 141 
PRO CD   C  N N 142 
PRO OXT  O  N N 143 
PRO H    H  N N 144 
PRO HA   H  N N 145 
PRO HB2  H  N N 146 
PRO HB3  H  N N 147 
PRO HG2  H  N N 148 
PRO HG3  H  N N 149 
PRO HD2  H  N N 150 
PRO HD3  H  N N 151 
PRO HXT  H  N N 152 
SME N    N  N N 153 
SME CA   C  N S 154 
SME CB   C  N N 155 
SME CG   C  N N 156 
SME S    S  N R 157 
SME OE   O  N N 158 
SME CE   C  N N 159 
SME C    C  N N 160 
SME O    O  N N 161 
SME OXT  O  N N 162 
SME H    H  N N 163 
SME H2   H  N N 164 
SME HA   H  N N 165 
SME HB2  H  N N 166 
SME HB3  H  N N 167 
SME HG2  H  N N 168 
SME HG3  H  N N 169 
SME HE1  H  N N 170 
SME HE2  H  N N 171 
SME HE3  H  N N 172 
SME HXT  H  N N 173 
THR N    N  N N 174 
THR CA   C  N S 175 
THR C    C  N N 176 
THR O    O  N N 177 
THR CB   C  N R 178 
THR OG1  O  N N 179 
THR CG2  C  N N 180 
THR OXT  O  N N 181 
THR H    H  N N 182 
THR H2   H  N N 183 
THR HA   H  N N 184 
THR HB   H  N N 185 
THR HG1  H  N N 186 
THR HG21 H  N N 187 
THR HG22 H  N N 188 
THR HG23 H  N N 189 
THR HXT  H  N N 190 
TYR N    N  N N 191 
TYR CA   C  N S 192 
TYR C    C  N N 193 
TYR O    O  N N 194 
TYR CB   C  N N 195 
TYR CG   C  Y N 196 
TYR CD1  C  Y N 197 
TYR CD2  C  Y N 198 
TYR CE1  C  Y N 199 
TYR CE2  C  Y N 200 
TYR CZ   C  Y N 201 
TYR OH   O  N N 202 
TYR OXT  O  N N 203 
TYR H    H  N N 204 
TYR H2   H  N N 205 
TYR HA   H  N N 206 
TYR HB2  H  N N 207 
TYR HB3  H  N N 208 
TYR HD1  H  N N 209 
TYR HD2  H  N N 210 
TYR HE1  H  N N 211 
TYR HE2  H  N N 212 
TYR HH   H  N N 213 
TYR HXT  H  N N 214 
# 
loop_
_chem_comp_bond.comp_id 
_chem_comp_bond.atom_id_1 
_chem_comp_bond.atom_id_2 
_chem_comp_bond.value_order 
_chem_comp_bond.pdbx_aromatic_flag 
_chem_comp_bond.pdbx_stereo_config 
_chem_comp_bond.pdbx_ordinal 
ASP N   CA   sing N N 1   
ASP N   H    sing N N 2   
ASP N   H2   sing N N 3   
ASP CA  C    sing N N 4   
ASP CA  CB   sing N N 5   
ASP CA  HA   sing N N 6   
ASP C   O    doub N N 7   
ASP C   OXT  sing N N 8   
ASP CB  CG   sing N N 9   
ASP CB  HB2  sing N N 10  
ASP CB  HB3  sing N N 11  
ASP CG  OD1  doub N N 12  
ASP CG  OD2  sing N N 13  
ASP OD2 HD2  sing N N 14  
ASP OXT HXT  sing N N 15  
GLU N   CA   sing N N 16  
GLU N   H    sing N N 17  
GLU N   H2   sing N N 18  
GLU CA  C    sing N N 19  
GLU CA  CB   sing N N 20  
GLU CA  HA   sing N N 21  
GLU C   O    doub N N 22  
GLU C   OXT  sing N N 23  
GLU CB  CG   sing N N 24  
GLU CB  HB2  sing N N 25  
GLU CB  HB3  sing N N 26  
GLU CG  CD   sing N N 27  
GLU CG  HG2  sing N N 28  
GLU CG  HG3  sing N N 29  
GLU CD  OE1  doub N N 30  
GLU CD  OE2  sing N N 31  
GLU OE2 HE2  sing N N 32  
GLU OXT HXT  sing N N 33  
GLY N   CA   sing N N 34  
GLY N   H    sing N N 35  
GLY N   H2   sing N N 36  
GLY CA  C    sing N N 37  
GLY CA  HA2  sing N N 38  
GLY CA  HA3  sing N N 39  
GLY C   O    doub N N 40  
GLY C   OXT  sing N N 41  
GLY OXT HXT  sing N N 42  
HIS N   CA   sing N N 43  
HIS N   H    sing N N 44  
HIS N   H2   sing N N 45  
HIS CA  C    sing N N 46  
HIS CA  CB   sing N N 47  
HIS CA  HA   sing N N 48  
HIS C   O    doub N N 49  
HIS C   OXT  sing N N 50  
HIS CB  CG   sing N N 51  
HIS CB  HB2  sing N N 52  
HIS CB  HB3  sing N N 53  
HIS CG  ND1  sing Y N 54  
HIS CG  CD2  doub Y N 55  
HIS ND1 CE1  doub Y N 56  
HIS ND1 HD1  sing N N 57  
HIS CD2 NE2  sing Y N 58  
HIS CD2 HD2  sing N N 59  
HIS CE1 NE2  sing Y N 60  
HIS CE1 HE1  sing N N 61  
HIS NE2 HE2  sing N N 62  
HIS OXT HXT  sing N N 63  
HOH O   H1   sing N N 64  
HOH O   H2   sing N N 65  
LEU N   CA   sing N N 66  
LEU N   H    sing N N 67  
LEU N   H2   sing N N 68  
LEU CA  C    sing N N 69  
LEU CA  CB   sing N N 70  
LEU CA  HA   sing N N 71  
LEU C   O    doub N N 72  
LEU C   OXT  sing N N 73  
LEU CB  CG   sing N N 74  
LEU CB  HB2  sing N N 75  
LEU CB  HB3  sing N N 76  
LEU CG  CD1  sing N N 77  
LEU CG  CD2  sing N N 78  
LEU CG  HG   sing N N 79  
LEU CD1 HD11 sing N N 80  
LEU CD1 HD12 sing N N 81  
LEU CD1 HD13 sing N N 82  
LEU CD2 HD21 sing N N 83  
LEU CD2 HD22 sing N N 84  
LEU CD2 HD23 sing N N 85  
LEU OXT HXT  sing N N 86  
MET N   CA   sing N N 87  
MET N   H    sing N N 88  
MET N   H2   sing N N 89  
MET CA  C    sing N N 90  
MET CA  CB   sing N N 91  
MET CA  HA   sing N N 92  
MET C   O    doub N N 93  
MET C   OXT  sing N N 94  
MET CB  CG   sing N N 95  
MET CB  HB2  sing N N 96  
MET CB  HB3  sing N N 97  
MET CG  SD   sing N N 98  
MET CG  HG2  sing N N 99  
MET CG  HG3  sing N N 100 
MET SD  CE   sing N N 101 
MET CE  HE1  sing N N 102 
MET CE  HE2  sing N N 103 
MET CE  HE3  sing N N 104 
MET OXT HXT  sing N N 105 
PHE N   CA   sing N N 106 
PHE N   H    sing N N 107 
PHE N   H2   sing N N 108 
PHE CA  C    sing N N 109 
PHE CA  CB   sing N N 110 
PHE CA  HA   sing N N 111 
PHE C   O    doub N N 112 
PHE C   OXT  sing N N 113 
PHE CB  CG   sing N N 114 
PHE CB  HB2  sing N N 115 
PHE CB  HB3  sing N N 116 
PHE CG  CD1  doub Y N 117 
PHE CG  CD2  sing Y N 118 
PHE CD1 CE1  sing Y N 119 
PHE CD1 HD1  sing N N 120 
PHE CD2 CE2  doub Y N 121 
PHE CD2 HD2  sing N N 122 
PHE CE1 CZ   doub Y N 123 
PHE CE1 HE1  sing N N 124 
PHE CE2 CZ   sing Y N 125 
PHE CE2 HE2  sing N N 126 
PHE CZ  HZ   sing N N 127 
PHE OXT HXT  sing N N 128 
PRO N   CA   sing N N 129 
PRO N   CD   sing N N 130 
PRO N   H    sing N N 131 
PRO CA  C    sing N N 132 
PRO CA  CB   sing N N 133 
PRO CA  HA   sing N N 134 
PRO C   O    doub N N 135 
PRO C   OXT  sing N N 136 
PRO CB  CG   sing N N 137 
PRO CB  HB2  sing N N 138 
PRO CB  HB3  sing N N 139 
PRO CG  CD   sing N N 140 
PRO CG  HG2  sing N N 141 
PRO CG  HG3  sing N N 142 
PRO CD  HD2  sing N N 143 
PRO CD  HD3  sing N N 144 
PRO OXT HXT  sing N N 145 
SME N   CA   sing N N 146 
SME N   H    sing N N 147 
SME N   H2   sing N N 148 
SME CA  CB   sing N N 149 
SME CA  C    sing N N 150 
SME CA  HA   sing N N 151 
SME CB  CG   sing N N 152 
SME CB  HB2  sing N N 153 
SME CB  HB3  sing N N 154 
SME CG  S    sing N N 155 
SME CG  HG2  sing N N 156 
SME CG  HG3  sing N N 157 
SME S   OE   doub N N 158 
SME S   CE   sing N N 159 
SME CE  HE1  sing N N 160 
SME CE  HE2  sing N N 161 
SME CE  HE3  sing N N 162 
SME C   O    doub N N 163 
SME C   OXT  sing N N 164 
SME OXT HXT  sing N N 165 
THR N   CA   sing N N 166 
THR N   H    sing N N 167 
THR N   H2   sing N N 168 
THR CA  C    sing N N 169 
THR CA  CB   sing N N 170 
THR CA  HA   sing N N 171 
THR C   O    doub N N 172 
THR C   OXT  sing N N 173 
THR CB  OG1  sing N N 174 
THR CB  CG2  sing N N 175 
THR CB  HB   sing N N 176 
THR OG1 HG1  sing N N 177 
THR CG2 HG21 sing N N 178 
THR CG2 HG22 sing N N 179 
THR CG2 HG23 sing N N 180 
THR OXT HXT  sing N N 181 
TYR N   CA   sing N N 182 
TYR N   H    sing N N 183 
TYR N   H2   sing N N 184 
TYR CA  C    sing N N 185 
TYR CA  CB   sing N N 186 
TYR CA  HA   sing N N 187 
TYR C   O    doub N N 188 
TYR C   OXT  sing N N 189 
TYR CB  CG   sing N N 190 
TYR CB  HB2  sing N N 191 
TYR CB  HB3  sing N N 192 
TYR CG  CD1  doub Y N 193 
TYR CG  CD2  sing Y N 194 
TYR CD1 CE1  sing Y N 195 
TYR CD1 HD1  sing N N 196 
TYR CD2 CE2  doub Y N 197 
TYR CD2 HD2  sing N N 198 
TYR CE1 CZ   doub Y N 199 
TYR CE1 HE1  sing N N 200 
TYR CE2 CZ   sing Y N 201 
TYR CE2 HE2  sing N N 202 
TYR CZ  OH   sing N N 203 
TYR OH  HH   sing N N 204 
TYR OXT HXT  sing N N 205 
# 
loop_
_pdbx_audit_support.funding_organization 
_pdbx_audit_support.country 
_pdbx_audit_support.grant_number 
_pdbx_audit_support.ordinal 
'German Research Foundation'                    Germany ? 1 
'LOEWE-Zentrum fuer Synthetische Mikrobiologie' Germany ? 2 
# 
_atom_sites.entry_id                    5D9E 
_atom_sites.fract_transf_matrix[1][1]   0.02983865 
_atom_sites.fract_transf_matrix[1][2]   -0.04898717 
_atom_sites.fract_transf_matrix[1][3]   0.02759970 
_atom_sites.fract_transf_matrix[2][1]   0.00235368 
_atom_sites.fract_transf_matrix[2][2]   -0.02429539 
_atom_sites.fract_transf_matrix[2][3]   -0.04566690 
_atom_sites.fract_transf_matrix[3][1]   0.02223468 
_atom_sites.fract_transf_matrix[3][2]   0.01091684 
_atom_sites.fract_transf_matrix[3][3]   -0.00466193 
_atom_sites.fract_transf_vector[1]      0.459139 
_atom_sites.fract_transf_vector[2]      0.579582 
_atom_sites.fract_transf_vector[3]      0.660382 
# 
loop_
_atom_type.symbol 
C  
CL 
H  
N  
O  
S  
# 
loop_
_atom_site.group_PDB 
_atom_site.id 
_atom_site.type_symbol 
_atom_site.label_atom_id 
_atom_site.label_alt_id 
_atom_site.label_comp_id 
_atom_site.label_asym_id 
_atom_site.label_entity_id 
_atom_site.label_seq_id 
_atom_site.pdbx_PDB_ins_code 
_atom_site.Cartn_x 
_atom_site.Cartn_y 
_atom_site.Cartn_z 
_atom_site.occupancy 
_atom_site.B_iso_or_equiv 
_atom_site.pdbx_formal_charge 
_atom_site.auth_seq_id 
_atom_site.auth_comp_id 
_atom_site.auth_asym_id 
_atom_site.auth_atom_id 
_atom_site.pdbx_PDB_model_num 
ATOM   1   N  N    . GLY A 1 1  ? -2.356  -0.188  3.647  1.00 4.95  ? 1   GLY A N    1 
ATOM   2   C  CA   . GLY A 1 1  ? -3.121  0.819   4.340  1.00 4.65  ? 1   GLY A CA   1 
ATOM   3   C  C    . GLY A 1 1  ? -3.668  1.959   3.498  1.00 4.36  ? 1   GLY A C    1 
ATOM   4   O  O    . GLY A 1 1  ? -4.120  2.960   4.055  1.00 4.55  ? 1   GLY A O    1 
ATOM   5   H  H2   . GLY A 1 1  ? -2.784  -0.991  3.341  1.00 5.95  ? 1   GLY A H2   1 
ATOM   6   H  HA2  . GLY A 1 1  ? -3.874  0.389   4.775  1.00 5.58  ? 1   GLY A HA2  1 
ATOM   7   H  HA3  . GLY A 1 1  ? -2.564  1.209   5.033  1.00 5.58  ? 1   GLY A HA3  1 
ATOM   8   N  N    . THR A 1 2  ? -3.656  1.812   2.174  1.00 4.22  ? 2   THR A N    1 
ATOM   9   C  CA   . THR A 1 2  ? -4.291  2.796   1.302  1.00 3.91  ? 2   THR A CA   1 
ATOM   10  C  C    . THR A 1 2  ? -5.122  2.113   0.230  1.00 4.19  ? 2   THR A C    1 
ATOM   11  O  O    . THR A 1 2  ? -5.017  0.897   -0.010 1.00 5.05  ? 2   THR A O    1 
ATOM   12  C  CB   . THR A 1 2  ? -3.296  3.787   0.615  1.00 4.30  ? 2   THR A CB   1 
ATOM   13  O  OG1  . THR A 1 2  ? -2.911  3.322   -0.680 1.00 4.69  ? 2   THR A OG1  1 
ATOM   14  C  CG2  . THR A 1 2  ? -2.071  4.070   1.480  1.00 5.32  ? 2   THR A CG2  1 
ATOM   15  H  H    . THR A 1 2  ? -3.288  1.157   1.758  1.00 5.06  ? 2   THR A H    1 
ATOM   16  H  HA   . THR A 1 2  ? -4.898  3.327   1.839  1.00 4.69  ? 2   THR A HA   1 
ATOM   17  H  HB   . THR A 1 2  ? -3.757  4.633   0.499  1.00 5.16  ? 2   THR A HB   1 
ATOM   18  H  HG1  . THR A 1 2  ? -2.535  2.573   -0.617 1.00 5.63  ? 2   THR A HG1  1 
ATOM   19  H  HG21 . THR A 1 2  ? -1.478  4.687   1.024  1.00 6.39  ? 2   THR A HG21 1 
ATOM   20  H  HG22 . THR A 1 2  ? -2.345  4.462   2.324  1.00 6.39  ? 2   THR A HG22 1 
ATOM   21  H  HG23 . THR A 1 2  ? -1.593  3.244   1.657  1.00 6.39  ? 2   THR A HG23 1 
ATOM   22  N  N    . LEU A 1 3  ? -5.933  2.940   -0.427 1.00 3.90  ? 3   LEU A N    1 
ATOM   23  C  CA   . LEU A 1 3  ? -6.820  2.513   -1.498 1.00 3.90  ? 3   LEU A CA   1 
ATOM   24  C  C    . LEU A 1 3  ? -6.137  2.353   -2.860 1.00 4.29  ? 3   LEU A C    1 
ATOM   25  O  O    . LEU A 1 3  ? -6.782  1.907   -3.811 1.00 5.37  ? 3   LEU A O    1 
ATOM   26  C  CB   . LEU A 1 3  ? -7.930  3.555   -1.654 1.00 3.96  ? 3   LEU A CB   1 
ATOM   27  C  CG   . LEU A 1 3  ? -8.921  3.618   -0.487 1.00 4.46  ? 3   LEU A CG   1 
ATOM   28  C  CD1  . LEU A 1 3  ? -9.761  4.880   -0.599 1.00 5.43  ? 3   LEU A CD1  1 
ATOM   29  C  CD2  . LEU A 1 3  ? -9.816  2.383   -0.447 1.00 5.43  ? 3   LEU A CD2  1 
ATOM   30  H  H    . LEU A 1 3  ? -5.985  3.783   -0.261 1.00 4.68  ? 3   LEU A H    1 
ATOM   31  H  HA   . LEU A 1 3  ? -7.226  1.665   -1.258 1.00 4.67  ? 3   LEU A HA   1 
ATOM   32  H  HB2  . LEU A 1 3  ? -7.523  4.430   -1.740 1.00 4.75  ? 3   LEU A HB2  1 
ATOM   33  H  HB3  . LEU A 1 3  ? -8.436  3.350   -2.456 1.00 4.75  ? 3   LEU A HB3  1 
ATOM   34  H  HG   . LEU A 1 3  ? -8.427  3.658   0.347  1.00 5.35  ? 3   LEU A HG   1 
ATOM   35  H  HD11 . LEU A 1 3  ? -10.384 4.910   0.144  1.00 6.52  ? 3   LEU A HD11 1 
ATOM   36  H  HD12 . LEU A 1 3  ? -9.175  5.652   -0.571 1.00 6.52  ? 3   LEU A HD12 1 
ATOM   37  H  HD13 . LEU A 1 3  ? -10.247 4.862   -1.438 1.00 6.52  ? 3   LEU A HD13 1 
ATOM   38  H  HD21 . LEU A 1 3  ? -10.427 2.460   0.302  1.00 6.51  ? 3   LEU A HD21 1 
ATOM   39  H  HD22 . LEU A 1 3  ? -10.316 2.328   -1.277 1.00 6.51  ? 3   LEU A HD22 1 
ATOM   40  H  HD23 . LEU A 1 3  ? -9.261  1.594   -0.341 1.00 6.51  ? 3   LEU A HD23 1 
ATOM   41  N  N    . THR A 1 4  ? -4.864  2.730   -2.968 1.00 4.63  ? 4   THR A N    1 
ATOM   42  C  CA   . THR A 1 4  ? -4.200  2.769   -4.268 1.00 4.46  ? 4   THR A CA   1 
ATOM   43  C  C    . THR A 1 4  ? -3.666  1.396   -4.669 1.00 4.59  ? 4   THR A C    1 
ATOM   44  O  O    . THR A 1 4  ? -3.561  0.496   -3.839 1.00 5.53  ? 4   THR A O    1 
ATOM   45  C  CB   . THR A 1 4  ? -3.018  3.773   -4.274 1.00 4.99  ? 4   THR A CB   1 
ATOM   46  O  OG1  . THR A 1 4  ? -1.900  3.226   -3.572 1.00 5.44  ? 4   THR A OG1  1 
ATOM   47  C  CG2  . THR A 1 4  ? -3.403  5.102   -3.630 1.00 5.59  ? 4   THR A CG2  1 
ATOM   48  H  H    . THR A 1 4  ? -4.366  2.966   -2.309 1.00 5.56  ? 4   THR A H    1 
ATOM   49  H  HA   . THR A 1 4  ? -4.838  3.052   -4.941 1.00 5.35  ? 4   THR A HA   1 
ATOM   50  H  HB   . THR A 1 4  ? -2.759  3.948   -5.192 1.00 5.98  ? 4   THR A HB   1 
ATOM   51  H  HG1  . THR A 1 4  ? -1.651  2.513   -3.939 1.00 6.53  ? 4   THR A HG1  1 
ATOM   52  H  HG21 . THR A 1 4  ? -2.647  5.710   -3.648 1.00 6.71  ? 4   THR A HG21 1 
ATOM   53  H  HG22 . THR A 1 4  ? -4.141  5.503   -4.115 1.00 6.71  ? 4   THR A HG22 1 
ATOM   54  H  HG23 . THR A 1 4  ? -3.671  4.959   -2.710 1.00 6.71  ? 4   THR A HG23 1 
ATOM   55  N  N    . PRO A 1 5  ? -3.267  1.235   -5.941 1.00 4.71  ? 5   PRO A N    1 
ATOM   56  C  CA   . PRO A 1 5  ? -2.461  0.071   -6.298 1.00 4.90  ? 5   PRO A CA   1 
ATOM   57  C  C    . PRO A 1 5  ? -1.082  0.169   -5.643 1.00 4.45  ? 5   PRO A C    1 
ATOM   58  O  O    . PRO A 1 5  ? -0.676  1.241   -5.175 1.00 5.52  ? 5   PRO A O    1 
ATOM   59  C  CB   . PRO A 1 5  ? -2.305  0.189   -7.822 1.00 6.00  ? 5   PRO A CB   1 
ATOM   60  C  CG   . PRO A 1 5  ? -3.254  1.251   -8.266 1.00 6.53  ? 5   PRO A CG   1 
ATOM   61  C  CD   . PRO A 1 5  ? -3.438  2.145   -7.079 1.00 5.74  ? 5   PRO A CD   1 
ATOM   62  H  HA   . PRO A 1 5  ? -2.901  -0.760  -6.059 1.00 5.88  ? 5   PRO A HA   1 
ATOM   63  H  HB2  . PRO A 1 5  ? -1.392  0.439   -8.034 1.00 7.20  ? 5   PRO A HB2  1 
ATOM   64  H  HB3  . PRO A 1 5  ? -2.528  -0.660  -8.236 1.00 7.20  ? 5   PRO A HB3  1 
ATOM   65  H  HG2  . PRO A 1 5  ? -2.870  1.743   -9.008 1.00 7.84  ? 5   PRO A HG2  1 
ATOM   66  H  HG3  . PRO A 1 5  ? -4.098  0.847   -8.523 1.00 7.84  ? 5   PRO A HG3  1 
ATOM   67  H  HD2  . PRO A 1 5  ? -2.756  2.836   -7.066 1.00 6.89  ? 5   PRO A HD2  1 
ATOM   68  H  HD3  . PRO A 1 5  ? -4.330  2.526   -7.078 1.00 6.89  ? 5   PRO A HD3  1 
ATOM   69  N  N    . GLY A 1 6  ? -0.356  -0.945  -5.635 1.00 4.35  ? 6   GLY A N    1 
ATOM   70  C  CA   . GLY A 1 6  ? 1.039   -0.928  -5.243 1.00 4.38  ? 6   GLY A CA   1 
ATOM   71  C  C    . GLY A 1 6  ? 1.443   -2.104  -4.393 1.00 4.59  ? 6   GLY A C    1 
ATOM   72  O  O    . GLY A 1 6  ? 0.911   -3.207  -4.528 1.00 5.87  ? 6   GLY A O    1 
ATOM   73  H  H    . GLY A 1 6  ? -0.653  -1.722  -5.854 1.00 5.22  ? 6   GLY A H    1 
ATOM   74  H  HA2  . GLY A 1 6  ? 1.594   -0.924  -6.038 1.00 5.26  ? 6   GLY A HA2  1 
ATOM   75  H  HA3  . GLY A 1 6  ? 1.219   -0.117  -4.742 1.00 5.26  ? 6   GLY A HA3  1 
ATOM   76  N  N    . LEU A 1 7  ? 2.393   -1.868  -3.502 1.00 4.74  ? 7   LEU A N    1 
ATOM   77  C  CA   . LEU A 1 7  ? 2.904   -2.941  -2.660 1.00 5.11  ? 7   LEU A CA   1 
ATOM   78  C  C    . LEU A 1 7  ? 1.903   -3.250  -1.541 1.00 5.12  ? 7   LEU A C    1 
ATOM   79  O  O    . LEU A 1 7  ? 1.308   -2.332  -0.987 1.00 5.22  ? 7   LEU A O    1 
ATOM   80  C  CB   . LEU A 1 7  ? 4.233   -2.523  -2.027 1.00 6.65  ? 7   LEU A CB   1 
ATOM   81  C  CG   . LEU A 1 7  ? 5.334   -2.040  -2.984 1.00 9.18  ? 7   LEU A CG   1 
ATOM   82  C  CD1  . LEU A 1 7  ? 6.623   -1.819  -2.224 1.00 10.46 ? 7   LEU A CD1  1 
ATOM   83  C  CD2  . LEU A 1 7  ? 5.560   -3.021  -4.090 1.00 11.11 ? 7   LEU A CD2  1 
ATOM   84  H  H    . LEU A 1 7  ? 2.758   -1.102  -3.364 1.00 5.69  ? 7   LEU A H    1 
ATOM   85  H  HA   . LEU A 1 7  ? 3.044   -3.741  -3.190 1.00 6.13  ? 7   LEU A HA   1 
ATOM   86  H  HB2  . LEU A 1 7  ? 4.057   -1.800  -1.405 1.00 7.98  ? 7   LEU A HB2  1 
ATOM   87  H  HB3  . LEU A 1 7  ? 4.589   -3.284  -1.542 1.00 7.98  ? 7   LEU A HB3  1 
ATOM   88  H  HG   . LEU A 1 7  ? 5.066   -1.195  -3.378 1.00 11.02 ? 7   LEU A HG   1 
ATOM   89  H  HD11 . LEU A 1 7  ? 7.305   -1.515  -2.843 1.00 12.55 ? 7   LEU A HD11 1 
ATOM   90  H  HD12 . LEU A 1 7  ? 6.473   -1.149  -1.540 1.00 12.55 ? 7   LEU A HD12 1 
ATOM   91  H  HD13 . LEU A 1 7  ? 6.894   -2.656  -1.816 1.00 12.55 ? 7   LEU A HD13 1 
ATOM   92  H  HD21 . LEU A 1 7  ? 6.259   -2.684  -4.672 1.00 13.33 ? 7   LEU A HD21 1 
ATOM   93  H  HD22 . LEU A 1 7  ? 5.827   -3.871  -3.708 1.00 13.33 ? 7   LEU A HD22 1 
ATOM   94  H  HD23 . LEU A 1 7  ? 4.735   -3.128  -4.590 1.00 13.33 ? 7   LEU A HD23 1 
ATOM   95  N  N    . PRO A 1 8  ? 1.732   -4.539  -1.190 1.00 5.53  ? 8   PRO A N    1 
ATOM   96  C  CA   . PRO A 1 8  ? 0.952   -4.832  0.019  1.00 5.69  ? 8   PRO A CA   1 
ATOM   97  C  C    . PRO A 1 8  ? 1.582   -4.174  1.251  1.00 5.27  ? 8   PRO A C    1 
ATOM   98  O  O    . PRO A 1 8  ? 2.803   -4.071  1.347  1.00 6.99  ? 8   PRO A O    1 
ATOM   99  C  CB   . PRO A 1 8  ? 0.999   -6.367  0.110  1.00 6.99  ? 8   PRO A CB   1 
ATOM   100 C  CG   A PRO A 1 8  ? 2.145   -6.773  -0.714 0.50 7.05  ? 8   PRO A CG   1 
ATOM   101 C  CG   B PRO A 1 8  ? 1.289   -6.835  -1.298 0.50 6.80  ? 8   PRO A CG   1 
ATOM   102 C  CD   . PRO A 1 8  ? 2.208   -5.771  -1.840 1.00 6.99  ? 8   PRO A CD   1 
ATOM   103 H  HA   . PRO A 1 8  ? 0.034   -4.536  -0.082 1.00 6.82  ? 8   PRO A HA   1 
ATOM   104 H  HB2  A PRO A 1 8  ? 1.130   -6.636  1.033  0.50 8.38  ? 8   PRO A HB2  1 
ATOM   105 H  HB2  B PRO A 1 8  ? 1.708   -6.637  0.714  0.50 8.38  ? 8   PRO A HB2  1 
ATOM   106 H  HB3  A PRO A 1 8  ? 0.176   -6.740  -0.242 0.50 8.38  ? 8   PRO A HB3  1 
ATOM   107 H  HB3  B PRO A 1 8  ? 0.141   -6.704  0.414  0.50 8.38  ? 8   PRO A HB3  1 
ATOM   108 H  HG2  A PRO A 1 8  ? 2.955   -6.742  -0.182 0.50 8.46  ? 8   PRO A HG2  1 
ATOM   109 H  HG2  B PRO A 1 8  ? 1.730   -7.698  -1.276 0.50 8.16  ? 8   PRO A HG2  1 
ATOM   110 H  HG3  A PRO A 1 8  ? 1.997   -7.667  -1.060 0.50 8.46  ? 8   PRO A HG3  1 
ATOM   111 H  HG3  B PRO A 1 8  ? 0.465   -6.876  -1.809 0.50 8.16  ? 8   PRO A HG3  1 
ATOM   112 H  HD2  A PRO A 1 8  ? 3.121   -5.664  -2.149 0.50 8.39  ? 8   PRO A HD2  1 
ATOM   113 H  HD2  B PRO A 1 8  ? 3.126   -5.956  -1.584 0.50 8.39  ? 8   PRO A HD2  1 
ATOM   114 H  HD3  A PRO A 1 8  ? 1.613   -6.030  -2.561 0.50 8.39  ? 8   PRO A HD3  1 
ATOM   115 H  HD3  B PRO A 1 8  ? 2.115   -5.704  -2.803 0.50 8.39  ? 8   PRO A HD3  1 
ATOM   116 N  N    . GLU A 1 9  ? 0.740   -3.750  2.179  1.00 5.37  ? 9   GLU A N    1 
ATOM   117 C  CA   . GLU A 1 9  ? 1.168   -3.150  3.435  1.00 5.13  ? 9   GLU A CA   1 
ATOM   118 C  C    . GLU A 1 9  ? 1.433   -4.233  4.481  1.00 4.83  ? 9   GLU A C    1 
ATOM   119 O  O    . GLU A 1 9  ? 0.931   -5.348  4.368  1.00 5.50  ? 9   GLU A O    1 
ATOM   120 C  CB   . GLU A 1 9  ? 0.102   -2.167  3.917  1.00 5.14  ? 9   GLU A CB   1 
ATOM   121 C  CG   . GLU A 1 9  ? -0.256  -1.144  2.854  1.00 5.84  ? 9   GLU A CG   1 
ATOM   122 C  CD   . GLU A 1 9  ? -1.045  0.008   3.417  1.00 5.69  ? 9   GLU A CD   1 
ATOM   123 O  OE1  . GLU A 1 9  ? -0.498  1.089   3.669  1.00 7.08  ? 9   GLU A OE1  1 
ATOM   124 H  H    . GLU A 1 9  ? -0.115  -3.801  2.103  1.00 6.44  ? 9   GLU A H    1 
ATOM   125 H  HA   . GLU A 1 9  ? 1.991   -2.658  3.291  1.00 6.15  ? 9   GLU A HA   1 
ATOM   126 H  HB2  . GLU A 1 9  ? -0.703  -2.658  4.146  1.00 6.17  ? 9   GLU A HB2  1 
ATOM   127 H  HB3  . GLU A 1 9  ? 0.435   -1.692  4.694  1.00 6.17  ? 9   GLU A HB3  1 
ATOM   128 H  HG2  . GLU A 1 9  ? 0.559   -0.789  2.466  1.00 7.01  ? 9   GLU A HG2  1 
ATOM   129 H  HG3  . GLU A 1 9  ? -0.793  -1.572  2.168  1.00 7.01  ? 9   GLU A HG3  1 
ATOM   130 N  N    . ASP A 1 10 ? 2.232   -3.911  5.491  1.00 4.40  ? 10  ASP A N    1 
ATOM   131 C  CA   . ASP A 1 10 ? 2.598   -4.932  6.467  1.00 4.10  ? 10  ASP A CA   1 
ATOM   132 C  C    . ASP A 1 10 ? 1.426   -5.367  7.350  1.00 3.82  ? 10  ASP A C    1 
ATOM   133 O  O    . ASP A 1 10 ? 1.254   -6.560  7.614  1.00 3.98  ? 10  ASP A O    1 
ATOM   134 C  CB   . ASP A 1 10 ? 3.698   -4.417  7.417  1.00 5.38  ? 10  ASP A CB   1 
ATOM   135 C  CG   . ASP A 1 10 ? 5.105   -4.503  6.861  1.00 7.88  ? 10  ASP A CG   1 
ATOM   136 O  OD1  . ASP A 1 10 ? 5.326   -4.831  5.686  1.00 8.48  ? 10  ASP A OD1  1 
ATOM   137 O  OD2  . ASP A 1 10 ? 6.034   -4.252  7.657  1.00 11.78 ? 10  ASP A OD2  1 
ATOM   138 H  H    . ASP A 1 10 ? 2.570   -3.132  5.631  1.00 5.28  ? 10  ASP A H    1 
ATOM   139 H  HA   . ASP A 1 10 ? 2.938   -5.713  6.003  1.00 4.92  ? 10  ASP A HA   1 
ATOM   140 H  HB2  . ASP A 1 10 ? 3.520   -3.486  7.623  1.00 6.45  ? 10  ASP A HB2  1 
ATOM   141 H  HB3  . ASP A 1 10 ? 3.674   -4.941  8.234  1.00 6.45  ? 10  ASP A HB3  1 
ATOM   142 N  N    . PHE A 1 11 ? 0.676   -4.396  7.875  1.00 3.98  ? 11  PHE A N    1 
ATOM   143 C  CA   . PHE A 1 11 ? -0.206  -4.673  9.007  1.00 4.25  ? 11  PHE A CA   1 
ATOM   144 C  C    . PHE A 1 11 ? -1.686  -4.404  8.734  1.00 4.57  ? 11  PHE A C    1 
ATOM   145 O  O    . PHE A 1 11 ? -2.531  -4.742  9.567  1.00 6.84  ? 11  PHE A O    1 
ATOM   146 C  CB   . PHE A 1 11 ? 0.218   -3.855  10.228 1.00 4.72  ? 11  PHE A CB   1 
ATOM   147 C  CG   . PHE A 1 11 ? 1.654   -4.063  10.660 1.00 4.84  ? 11  PHE A CG   1 
ATOM   148 C  CD1  . PHE A 1 11 ? 2.407   -2.975  11.064 1.00 6.33  ? 11  PHE A CD1  1 
ATOM   149 C  CD2  . PHE A 1 11 ? 2.239   -5.324  10.698 1.00 4.53  ? 11  PHE A CD2  1 
ATOM   150 C  CE1  . PHE A 1 11 ? 3.711   -3.129  11.503 1.00 7.38  ? 11  PHE A CE1  1 
ATOM   151 C  CE2  . PHE A 1 11 ? 3.543   -5.490  11.138 1.00 5.17  ? 11  PHE A CE2  1 
ATOM   152 C  CZ   . PHE A 1 11 ? 4.283   -4.386  11.539 1.00 6.71  ? 11  PHE A CZ   1 
ATOM   153 H  H    . PHE A 1 11 ? 0.660   -3.582  7.599  1.00 4.77  ? 11  PHE A H    1 
ATOM   154 H  HA   . PHE A 1 11 ? -0.120  -5.610  9.241  1.00 5.10  ? 11  PHE A HA   1 
ATOM   155 H  HB2  . PHE A 1 11 ? 0.106   -2.914  10.023 1.00 5.67  ? 11  PHE A HB2  1 
ATOM   156 H  HB3  . PHE A 1 11 ? -0.352  -4.096  10.975 1.00 5.67  ? 11  PHE A HB3  1 
ATOM   157 H  HD1  . PHE A 1 11 ? 2.026   -2.126  11.054 1.00 7.60  ? 11  PHE A HD1  1 
ATOM   158 H  HD2  . PHE A 1 11 ? 1.743   -6.068  10.440 1.00 5.44  ? 11  PHE A HD2  1 
ATOM   159 H  HE1  . PHE A 1 11 ? 4.203   -2.385  11.767 1.00 8.86  ? 11  PHE A HE1  1 
ATOM   160 H  HE2  . PHE A 1 11 ? 3.926   -6.338  11.154 1.00 6.20  ? 11  PHE A HE2  1 
ATOM   161 H  HZ   . PHE A 1 11 ? 5.163   -4.490  11.820 1.00 8.05  ? 11  PHE A HZ   1 
ATOM   162 N  N    . LEU A 1 12 ? -1.993  -3.781  7.598  1.00 4.17  ? 12  LEU A N    1 
ATOM   163 C  CA   . LEU A 1 12 ? -3.360  -3.516  7.180  1.00 4.13  ? 12  LEU A CA   1 
ATOM   164 C  C    . LEU A 1 12 ? -3.503  -3.996  5.747  1.00 4.24  ? 12  LEU A C    1 
ATOM   165 O  O    . LEU A 1 12 ? -2.522  -4.037  4.996  1.00 4.65  ? 12  LEU A O    1 
ATOM   166 C  CB   . LEU A 1 12 ? -3.667  -2.021  7.230  1.00 4.25  ? 12  LEU A CB   1 
ATOM   167 C  CG   . LEU A 1 12 ? -3.632  -1.374  8.608  1.00 4.63  ? 12  LEU A CG   1 
ATOM   168 C  CD1  . LEU A 1 12 ? -3.866  0.120   8.452  1.00 6.06  ? 12  LEU A CD1  1 
ATOM   169 C  CD2  . LEU A 1 12 ? -4.675  -1.962  9.538  1.00 5.21  ? 12  LEU A CD2  1 
ATOM   170 H  H    . LEU A 1 12 ? -1.405  -3.495  7.038  1.00 5.01  ? 12  LEU A H    1 
ATOM   171 H  HA   . LEU A 1 12 ? -3.985  -3.995  7.745  1.00 4.95  ? 12  LEU A HA   1 
ATOM   172 H  HB2  . LEU A 1 12 ? -3.018  -1.559  6.677  1.00 5.10  ? 12  LEU A HB2  1 
ATOM   173 H  HB3  . LEU A 1 12 ? -4.555  -1.881  6.867  1.00 5.10  ? 12  LEU A HB3  1 
ATOM   174 H  HG   . LEU A 1 12 ? -2.757  -1.506  9.005  1.00 5.55  ? 12  LEU A HG   1 
ATOM   175 H  HD11 . LEU A 1 12 ? -3.845  0.536   9.328  1.00 7.27  ? 12  LEU A HD11 1 
ATOM   176 H  HD12 . LEU A 1 12 ? -3.167  0.493   7.892  1.00 7.27  ? 12  LEU A HD12 1 
ATOM   177 H  HD13 . LEU A 1 12 ? -4.732  0.263   8.039  1.00 7.27  ? 12  LEU A HD13 1 
ATOM   178 H  HD21 . LEU A 1 12 ? -4.614  -1.520  10.399 1.00 6.26  ? 12  LEU A HD21 1 
ATOM   179 H  HD22 . LEU A 1 12 ? -5.555  -1.821  9.155  1.00 6.26  ? 12  LEU A HD22 1 
ATOM   180 H  HD23 . LEU A 1 12 ? -4.506  -2.912  9.642  1.00 6.26  ? 12  LEU A HD23 1 
ATOM   181 N  N    . PRO A 1 13 ? -4.731  -4.333  5.344  1.00 4.18  ? 13  PRO A N    1 
ATOM   182 C  CA   . PRO A 1 13 ? -4.968  -4.636  3.941  1.00 4.82  ? 13  PRO A CA   1 
ATOM   183 C  C    . PRO A 1 13 ? -4.815  -3.351  3.125  1.00 5.18  ? 13  PRO A C    1 
ATOM   184 O  O    . PRO A 1 13 ? -4.540  -2.256  3.647  1.00 5.63  ? 13  PRO A O    1 
ATOM   185 C  CB   . PRO A 1 13 ? -6.400  -5.191  3.940  1.00 6.20  ? 13  PRO A CB   1 
ATOM   186 C  CG   . PRO A 1 13 ? -7.033  -4.578  5.096  0.86 6.56  ? 13  PRO A CG   1 
ATOM   187 C  CD   . PRO A 1 13 ? -5.973  -4.345  6.129  1.00 4.94  ? 13  PRO A CD   1 
ATOM   188 H  HA   . PRO A 1 13 ? -4.349  -5.311  3.621  1.00 5.78  ? 13  PRO A HA   1 
ATOM   189 H  HB2  . PRO A 1 13 ? -6.851  -4.931  3.122  1.00 7.45  ? 13  PRO A HB2  1 
ATOM   190 H  HB3  . PRO A 1 13 ? -6.378  -6.157  4.031  1.00 7.45  ? 13  PRO A HB3  1 
ATOM   191 H  HG2  . PRO A 1 13 ? -7.433  -3.734  4.830  0.83 7.87  ? 13  PRO A HG2  1 
ATOM   192 H  HG3  . PRO A 1 13 ? -7.713  -5.177  5.442  0.93 7.87  ? 13  PRO A HG3  1 
ATOM   193 H  HD2  . PRO A 1 13 ? -6.107  -3.489  6.565  1.00 5.93  ? 13  PRO A HD2  1 
ATOM   194 H  HD3  . PRO A 1 13 ? -5.959  -5.073  6.770  1.00 5.93  ? 13  PRO A HD3  1 
ATOM   195 N  N    . GLY A 1 14 ? -4.977  -3.507  1.829  1.00 5.76  ? 14  GLY A N    1 
ATOM   196 C  CA   . GLY A 1 14 ? -4.722  -2.409  0.922  1.00 6.15  ? 14  GLY A CA   1 
ATOM   197 C  C    . GLY A 1 14 ? -3.250  -2.397  0.549  1.00 5.66  ? 14  GLY A C    1 
ATOM   198 O  O    . GLY A 1 14 ? -2.493  -3.332  0.827  1.00 6.53  ? 14  GLY A O    1 
ATOM   199 H  H    . GLY A 1 14 ? -5.231  -4.235  1.448  1.00 6.91  ? 14  GLY A H    1 
ATOM   200 H  HA2  . GLY A 1 14 ? -5.254  -2.510  0.117  1.00 7.38  ? 14  GLY A HA2  1 
ATOM   201 H  HA3  . GLY A 1 14 ? -4.948  -1.566  1.347  1.00 7.38  ? 14  GLY A HA3  1 
ATOM   202 N  N    . HIS A 1 15 ? -2.837  -1.329  -0.115 1.00 4.72  ? 15  HIS A N    1 
ATOM   203 C  CA   . HIS A 1 15 ? -1.533  -1.283  -0.754 1.00 4.58  ? 15  HIS A CA   1 
ATOM   204 C  C    . HIS A 1 15 ? -0.994  0.116   -0.623 1.00 4.80  ? 15  HIS A C    1 
ATOM   205 O  O    . HIS A 1 15 ? -1.679  1.002   -0.118 1.00 5.25  ? 15  HIS A O    1 
ATOM   206 C  CB   . HIS A 1 15 ? -1.663  -1.725  -2.225 1.00 5.04  ? 15  HIS A CB   1 
ATOM   207 C  CG   . HIS A 1 15 ? -2.259  -3.087  -2.342 1.00 5.31  ? 15  HIS A CG   1 
ATOM   208 N  ND1  . HIS A 1 15 ? -3.619  -3.307  -2.285 1.00 5.80  ? 15  HIS A ND1  1 
ATOM   209 C  CD2  . HIS A 1 15 ? -1.679  -4.311  -2.356 1.00 6.06  ? 15  HIS A CD2  1 
ATOM   210 C  CE1  . HIS A 1 15 ? -3.850  -4.610  -2.290 1.00 6.85  ? 15  HIS A CE1  1 
ATOM   211 N  NE2  . HIS A 1 15 ? -2.690  -5.241  -2.327 1.00 6.69  ? 15  HIS A NE2  1 
ATOM   212 H  H    . HIS A 1 15 ? -3.299  -0.610  -0.212 1.00 5.67  ? 15  HIS A H    1 
ATOM   213 H  HA   . HIS A 1 15 ? -0.927  -1.891  -0.301 1.00 5.49  ? 15  HIS A HA   1 
ATOM   214 H  HB2  . HIS A 1 15 ? -2.238  -1.101  -2.695 1.00 6.05  ? 15  HIS A HB2  1 
ATOM   215 H  HB3  . HIS A 1 15 ? -0.783  -1.742  -2.632 1.00 6.05  ? 15  HIS A HB3  1 
ATOM   216 H  HD1  . HIS A 1 15 ? -4.220  -2.694  -2.240 1.00 6.96  ? 15  HIS A HD1  1 
ATOM   217 H  HD2  . HIS A 1 15 ? -0.766  -4.489  -2.372 1.00 7.28  ? 15  HIS A HD2  1 
ATOM   218 H  HE1  . HIS A 1 15 ? -4.689  -5.013  -2.294 1.00 8.23  ? 15  HIS A HE1  1 
ATOM   219 N  N    . TYR A 1 16 ? 0.243   0.330   -1.052 1.00 5.30  ? 16  TYR A N    1 
ATOM   220 C  CA   . TYR A 1 16 ? 0.792   1.675   -1.070 1.00 5.67  ? 16  TYR A CA   1 
ATOM   221 C  C    . TYR A 1 16 ? 1.757   1.845   -2.225 1.00 5.20  ? 16  TYR A C    1 
ATOM   222 O  O    . TYR A 1 16 ? 2.400   0.888   -2.674 1.00 5.31  ? 16  TYR A O    1 
ATOM   223 C  CB   . TYR A 1 16 ? 1.486   2.043   0.262  1.00 6.51  ? 16  TYR A CB   1 
ATOM   224 C  CG   . TYR A 1 16 ? 2.889   1.484   0.466  1.00 6.30  ? 16  TYR A CG   1 
ATOM   225 C  CD1  . TYR A 1 16 ? 3.103   0.148   0.790  1.00 7.00  ? 16  TYR A CD1  1 
ATOM   226 C  CD2  . TYR A 1 16 ? 4.007   2.302   0.345  1.00 6.77  ? 16  TYR A CD2  1 
ATOM   227 C  CE1  . TYR A 1 16 ? 4.390   -0.353  0.980  1.00 7.28  ? 16  TYR A CE1  1 
ATOM   228 C  CE2  . TYR A 1 16 ? 5.288   1.805   0.536  1.00 7.55  ? 16  TYR A CE2  1 
ATOM   229 C  CZ   . TYR A 1 16 ? 5.479   0.484   0.854  1.00 7.60  ? 16  TYR A CZ   1 
ATOM   230 O  OH   . TYR A 1 16 ? 6.765   0.020   1.031  1.00 9.13  ? 16  TYR A OH   1 
ATOM   231 H  H    . TYR A 1 16 ? 0.779   -0.281  -1.334 1.00 6.36  ? 16  TYR A H    1 
ATOM   232 H  HA   . TYR A 1 16 ? 0.065   2.303   -1.204 1.00 6.81  ? 16  TYR A HA   1 
ATOM   233 H  HB2  . TYR A 1 16 ? 1.549   3.009   0.316  1.00 7.81  ? 16  TYR A HB2  1 
ATOM   234 H  HB3  . TYR A 1 16 ? 0.936   1.716   0.991  1.00 7.81  ? 16  TYR A HB3  1 
ATOM   235 H  HD1  . TYR A 1 16 ? 2.375   -0.422  0.879  1.00 8.40  ? 16  TYR A HD1  1 
ATOM   236 H  HD2  . TYR A 1 16 ? 3.894   3.200   0.132  1.00 8.12  ? 16  TYR A HD2  1 
ATOM   237 H  HE1  . TYR A 1 16 ? 4.513   -1.249  1.194  1.00 8.73  ? 16  TYR A HE1  1 
ATOM   238 H  HE2  . TYR A 1 16 ? 6.022   2.370   0.448  1.00 9.06  ? 16  TYR A HE2  1 
ATOM   239 H  HH   . TYR A 1 16 ? 6.751   -0.799  1.215  1.00 10.96 ? 16  TYR A HH   1 
HETATM 240 N  N    A SME A 1 17 ? 1.862   3.087   -2.690 0.60 5.57  ? 17  SME A N    1 
HETATM 241 C  CA   A SME A 1 17 ? 2.855   3.456   -3.667 0.60 6.07  ? 17  SME A CA   1 
HETATM 242 C  CB   A SME A 1 17 ? 2.389   4.429   -4.754 0.60 6.92  ? 17  SME A CB   1 
HETATM 243 C  CG   A SME A 1 17 ? 1.586   3.728   -5.820 0.60 7.06  ? 17  SME A CG   1 
HETATM 244 S  S    A SME A 1 17 ? 2.478   2.403   -6.601 0.60 6.85  ? 17  SME A S    1 
HETATM 245 O  OE   A SME A 1 17 ? 3.682   2.952   -7.278 0.60 6.81  ? 17  SME A OE   1 
HETATM 246 C  CE   A SME A 1 17 ? 1.280   2.042   -7.819 0.60 7.02  ? 17  SME A CE   1 
HETATM 247 C  C    A SME A 1 17 ? 4.041   4.095   -2.959 0.60 6.49  ? 17  SME A C    1 
HETATM 248 O  O    A SME A 1 17 ? 3.927   5.122   -2.292 0.60 7.42  ? 17  SME A O    1 
HETATM 249 H  H    A SME A 1 17 ? 1.291   3.865   -2.427 0.60 6.69  ? 17  SME A H    1 
HETATM 250 H  HA   A SME A 1 17 ? 3.211   2.502   -4.163 0.60 7.29  ? 17  SME A HA   1 
HETATM 251 H  HB2  A SME A 1 17 ? 3.302   4.896   -5.214 0.60 8.30  ? 17  SME A HB2  1 
HETATM 252 H  HB3  A SME A 1 17 ? 1.776   5.251   -4.294 0.60 8.30  ? 17  SME A HB3  1 
HETATM 253 H  HG2  A SME A 1 17 ? 1.250   4.474   -6.582 0.60 8.47  ? 17  SME A HG2  1 
HETATM 254 H  HG3  A SME A 1 17 ? 0.655   3.307   -5.365 0.60 8.47  ? 17  SME A HG3  1 
HETATM 255 H  HE1  A SME A 1 17 ? 1.129   2.947   -8.456 0.60 8.42  ? 17  SME A HE1  1 
HETATM 256 H  HE2  A SME A 1 17 ? 0.305   1.783   -7.350 0.60 8.42  ? 17  SME A HE2  1 
HETATM 257 H  HE3  A SME A 1 17 ? 1.564   1.210   -8.503 0.60 8.42  ? 17  SME A HE3  1 
ATOM   258 N  N    B MET A 1 17 ? 1.845   3.077   -2.708 0.40 5.68  ? 17  MET A N    1 
ATOM   259 C  CA   B MET A 1 17 ? 2.848   3.439   -3.689 0.40 6.23  ? 17  MET A CA   1 
ATOM   260 C  C    B MET A 1 17 ? 4.018   4.037   -2.922 0.40 6.05  ? 17  MET A C    1 
ATOM   261 O  O    B MET A 1 17 ? 3.829   4.980   -2.153 0.40 6.12  ? 17  MET A O    1 
ATOM   262 C  CB   B MET A 1 17 ? 2.260   4.453   -4.665 0.40 7.32  ? 17  MET A CB   1 
ATOM   263 C  CG   B MET A 1 17 ? 0.980   3.962   -5.332 0.40 8.29  ? 17  MET A CG   1 
ATOM   264 S  SD   B MET A 1 17 ? 0.361   5.024   -6.649 0.40 9.25  ? 17  MET A SD   1 
ATOM   265 C  CE   B MET A 1 17 ? 0.159   6.555   -5.737 0.40 9.84  ? 17  MET A CE   1 
ATOM   266 H  H    B MET A 1 17 ? 1.330   3.726   -2.478 0.40 6.82  ? 17  MET A H    1 
ATOM   267 H  HA   B MET A 1 17 ? 3.136   2.653   -4.179 0.40 7.48  ? 17  MET A HA   1 
ATOM   268 H  HB2  B MET A 1 17 ? 2.053   5.270   -4.185 0.40 8.79  ? 17  MET A HB2  1 
ATOM   269 H  HB3  B MET A 1 17 ? 2.910   4.633   -5.362 0.40 8.79  ? 17  MET A HB3  1 
ATOM   270 H  HG2  B MET A 1 17 ? 1.147   3.087   -5.715 0.40 9.95  ? 17  MET A HG2  1 
ATOM   271 H  HG3  B MET A 1 17 ? 0.285   3.897   -4.658 0.40 9.95  ? 17  MET A HG3  1 
ATOM   272 H  HE1  B MET A 1 17 ? 1.019   6.825   -5.378 0.40 11.81 ? 17  MET A HE1  1 
ATOM   273 H  HE2  B MET A 1 17 ? -0.179  7.238   -6.338 0.40 11.81 ? 17  MET A HE2  1 
ATOM   274 H  HE3  B MET A 1 17 ? -0.471  6.411   -5.013 0.40 11.81 ? 17  MET A HE3  1 
ATOM   275 N  N    . PRO A 1 18 ? 5.225   3.475   -3.086 1.00 6.40  ? 18  PRO A N    1 
ATOM   276 C  CA   A PRO A 1 18 ? 6.429   4.049   -2.480 0.51 6.90  ? 18  PRO A CA   1 
ATOM   277 C  CA   B PRO A 1 18 ? 6.333   4.119   -2.379 0.49 6.76  ? 18  PRO A CA   1 
ATOM   278 C  C    . PRO A 1 18 ? 6.738   5.438   -3.024 1.00 6.51  ? 18  PRO A C    1 
ATOM   279 O  O    . PRO A 1 18 ? 6.523   5.695   -4.214 1.00 7.03  ? 18  PRO A O    1 
ATOM   280 C  CB   A PRO A 1 18 ? 7.525   3.058   -2.890 0.51 7.83  ? 18  PRO A CB   1 
ATOM   281 C  CB   B PRO A 1 18 ? 7.452   3.085   -2.464 0.49 7.31  ? 18  PRO A CB   1 
ATOM   282 C  CG   A PRO A 1 18 ? 6.812   1.749   -3.044 0.51 7.60  ? 18  PRO A CG   1 
ATOM   283 C  CG   B PRO A 1 18 ? 7.153   2.330   -3.710 0.49 7.21  ? 18  PRO A CG   1 
ATOM   284 C  CD   A PRO A 1 18 ? 5.484   2.125   -3.634 0.51 6.96  ? 18  PRO A CD   1 
ATOM   285 C  CD   B PRO A 1 18 ? 5.654   2.271   -3.814 0.49 6.95  ? 18  PRO A CD   1 
ATOM   286 H  HA   A PRO A 1 18 ? 6.351   4.079   -1.513 0.51 8.28  ? 18  PRO A HA   1 
ATOM   287 H  HA   B PRO A 1 18 ? 6.100   4.270   -1.449 0.49 8.11  ? 18  PRO A HA   1 
ATOM   288 H  HB2  A PRO A 1 18 ? 7.922   3.335   -3.731 0.51 9.40  ? 18  PRO A HB2  1 
ATOM   289 H  HB2  B PRO A 1 18 ? 8.311   3.532   -2.527 0.49 8.78  ? 18  PRO A HB2  1 
ATOM   290 H  HB3  A PRO A 1 18 ? 8.197   3.004   -2.193 0.51 9.40  ? 18  PRO A HB3  1 
ATOM   291 H  HB3  B PRO A 1 18 ? 7.422   2.501   -1.689 0.49 8.78  ? 18  PRO A HB3  1 
ATOM   292 H  HG2  A PRO A 1 18 ? 7.307   1.172   -3.645 0.51 9.12  ? 18  PRO A HG2  1 
ATOM   293 H  HG2  B PRO A 1 18 ? 7.528   2.802   -4.471 0.49 8.65  ? 18  PRO A HG2  1 
ATOM   294 H  HG3  A PRO A 1 18 ? 6.698   1.331   -2.176 0.51 9.12  ? 18  PRO A HG3  1 
ATOM   295 H  HG3  B PRO A 1 18 ? 7.526   1.437   -3.646 0.49 8.65  ? 18  PRO A HG3  1 
ATOM   296 H  HD2  A PRO A 1 18 ? 5.543   2.160   -4.602 0.51 8.36  ? 18  PRO A HD2  1 
ATOM   297 H  HD2  B PRO A 1 18 ? 5.376   2.319   -4.743 0.49 8.34  ? 18  PRO A HD2  1 
ATOM   298 H  HD3  A PRO A 1 18 ? 4.798   1.506   -3.342 0.51 8.36  ? 18  PRO A HD3  1 
ATOM   299 H  HD3  B PRO A 1 18 ? 5.315   1.473   -3.379 0.49 8.34  ? 18  PRO A HD3  1 
ATOM   300 N  N    . GLY A 1 19 ? 7.292   6.294   -2.181 1.00 7.15  ? 19  GLY A N    1 
ATOM   301 C  CA   . GLY A 1 19 ? 7.764   7.592   -2.608 1.00 8.21  ? 19  GLY A CA   1 
ATOM   302 C  C    . GLY A 1 19 ? 6.721   8.682   -2.601 1.00 10.87 ? 19  GLY A C    1 
ATOM   303 O  O    . GLY A 1 19 ? 7.011   9.751   -3.171 1.00 12.65 ? 19  GLY A O    1 
ATOM   304 O  OXT  . GLY A 1 19 ? 5.607   8.535   -2.067 1.00 11.95 ? 19  GLY A OXT  1 
ATOM   305 H  H    . GLY A 1 19 ? 7.407   6.141   -1.343 1.00 8.58  ? 19  GLY A H    1 
ATOM   306 H  HA2  . GLY A 1 19 ? 8.490   7.869   -2.028 1.00 9.85  ? 19  GLY A HA2  1 
ATOM   307 H  HA3  . GLY A 1 19 ? 8.113   7.518   -3.510 1.00 9.85  ? 19  GLY A HA3  1 
HETATM 308 CL CL   . CL  B 2 .  ? -2.247  -8.266  -1.832 0.64 7.02  ? 101 CL  A CL   1 
HETATM 309 O  O    . HOH C 3 .  ? 4.698   -3.482  3.141  0.59 6.31  ? 201 HOH A O    1 
HETATM 310 O  O    . HOH C 3 .  ? 6.864   -2.472  2.014  1.00 14.58 ? 202 HOH A O    1 
HETATM 311 O  O    . HOH C 3 .  ? 3.024   7.559   -1.572 0.84 10.64 ? 203 HOH A O    1 
HETATM 312 O  O    . HOH C 3 .  ? -6.471  -0.361  3.726  1.00 16.94 ? 204 HOH A O    1 
HETATM 313 O  O    . HOH C 3 .  ? -4.212  3.296   6.743  1.00 7.52  ? 205 HOH A O    1 
HETATM 314 O  O    . HOH C 3 .  ? -5.254  -1.035  -2.328 1.00 8.04  ? 206 HOH A O    1 
HETATM 315 O  O    . HOH C 3 .  ? -1.652  -5.354  2.685  1.00 10.83 ? 207 HOH A O    1 
HETATM 316 O  O    . HOH C 3 .  ? 0.997   -1.610  7.451  1.00 8.19  ? 208 HOH A O    1 
HETATM 317 O  O    . HOH C 3 .  ? 2.333   1.113   3.842  1.00 24.52 ? 209 HOH A O    1 
HETATM 318 O  O    . HOH C 3 .  ? 7.674   5.298   0.449  0.95 7.72  ? 210 HOH A O    1 
HETATM 319 O  O    . HOH C 3 .  ? -0.268  4.930   -1.955 1.00 9.81  ? 211 HOH A O    1 
HETATM 320 O  O    . HOH C 3 .  ? -5.469  -6.234  0.884  1.00 12.72 ? 212 HOH A O    1 
HETATM 321 O  O    . HOH C 3 .  ? -2.201  -3.338  -6.218 1.00 7.80  ? 213 HOH A O    1 
HETATM 322 O  O    . HOH C 3 .  ? 7.908   -4.188  3.889  1.00 22.41 ? 214 HOH A O    1 
HETATM 323 O  O    . HOH C 3 .  ? -4.649  -2.577  -5.270 1.00 13.03 ? 215 HOH A O    1 
HETATM 324 O  O    . HOH C 3 .  ? -2.074  -3.540  -8.958 1.00 11.21 ? 216 HOH A O    1 
HETATM 325 O  O    . HOH C 3 .  ? -2.422  6.554   -6.683 1.00 23.81 ? 217 HOH A O    1 
HETATM 326 O  O    . HOH C 3 .  ? -2.540  -7.770  1.998  1.00 16.15 ? 218 HOH A O    1 
HETATM 327 O  O    . HOH C 3 .  ? -1.323  -9.392  0.836  0.56 10.63 ? 219 HOH A O    1 
HETATM 328 O  O    . HOH C 3 .  ? -1.536  5.270   -9.106 1.00 20.89 ? 220 HOH A O    1 
HETATM 329 O  O    . HOH C 3 .  ? 0.551   -10.060 -0.485 1.00 34.42 ? 221 HOH A O    1 
# 
loop_
_atom_site_anisotrop.id 
_atom_site_anisotrop.type_symbol 
_atom_site_anisotrop.pdbx_label_atom_id 
_atom_site_anisotrop.pdbx_label_alt_id 
_atom_site_anisotrop.pdbx_label_comp_id 
_atom_site_anisotrop.pdbx_label_asym_id 
_atom_site_anisotrop.pdbx_label_seq_id 
_atom_site_anisotrop.pdbx_PDB_ins_code 
_atom_site_anisotrop.U[1][1] 
_atom_site_anisotrop.U[2][2] 
_atom_site_anisotrop.U[3][3] 
_atom_site_anisotrop.U[1][2] 
_atom_site_anisotrop.U[1][3] 
_atom_site_anisotrop.U[2][3] 
_atom_site_anisotrop.pdbx_auth_seq_id 
_atom_site_anisotrop.pdbx_auth_comp_id 
_atom_site_anisotrop.pdbx_auth_asym_id 
_atom_site_anisotrop.pdbx_auth_atom_id 
1   N  N   . GLY A 1  ? 0.0860 0.0574 0.0448 0.0162  -0.0102 -0.0093 1   GLY A N   
2   C  CA  . GLY A 1  ? 0.0870 0.0513 0.0384 0.0111  -0.0129 -0.0134 1   GLY A CA  
3   C  C   . GLY A 1  ? 0.0731 0.0555 0.0371 0.0100  -0.0109 -0.0140 1   GLY A C   
4   O  O   . GLY A 1  ? 0.0759 0.0573 0.0398 0.0148  -0.0063 -0.0151 1   GLY A O   
8   N  N   . THR A 2  ? 0.0692 0.0544 0.0367 0.0139  -0.0076 -0.0105 2   THR A N   
9   C  CA  . THR A 2  ? 0.0676 0.0451 0.0358 0.0148  -0.0083 -0.0093 2   THR A CA  
10  C  C   . THR A 2  ? 0.0664 0.0524 0.0406 0.0095  -0.0093 -0.0102 2   THR A C   
11  O  O   . THR A 2  ? 0.0771 0.0480 0.0667 0.0047  -0.0158 -0.0119 2   THR A O   
12  C  CB  . THR A 2  ? 0.0691 0.0471 0.0473 0.0114  -0.0071 -0.0130 2   THR A CB  
13  O  OG1 . THR A 2  ? 0.0732 0.0613 0.0436 0.0106  -0.0020 -0.0164 2   THR A OG1 
14  C  CG2 . THR A 2  ? 0.0659 0.0788 0.0576 0.0008  -0.0125 -0.0182 2   THR A CG2 
22  N  N   . LEU A 3  ? 0.0628 0.0437 0.0415 0.0150  -0.0090 -0.0160 3   LEU A N   
23  C  CA  . LEU A 3  ? 0.0639 0.0466 0.0375 0.0109  -0.0057 -0.0135 3   LEU A CA  
24  C  C   . LEU A 3  ? 0.0664 0.0602 0.0364 0.0080  -0.0058 -0.0128 3   LEU A C   
25  O  O   . LEU A 3  ? 0.0736 0.0805 0.0502 0.0048  -0.0032 -0.0271 3   LEU A O   
26  C  CB  . LEU A 3  ? 0.0644 0.0493 0.0367 0.0102  -0.0072 -0.0115 3   LEU A CB  
27  C  CG  . LEU A 3  ? 0.0654 0.0612 0.0428 0.0113  -0.0011 -0.0140 3   LEU A CG  
28  C  CD1 . LEU A 3  ? 0.0751 0.0714 0.0598 0.0149  -0.0005 -0.0151 3   LEU A CD1 
29  C  CD2 . LEU A 3  ? 0.0752 0.0756 0.0554 -0.0023 0.0015  -0.0194 3   LEU A CD2 
41  N  N   . THR A 4  ? 0.0656 0.0699 0.0403 0.0094  -0.0047 -0.0065 4   THR A N   
42  C  CA  . THR A 4  ? 0.0716 0.0567 0.0411 0.0097  0.0010  -0.0066 4   THR A CA  
43  C  C   . THR A 4  ? 0.0640 0.0540 0.0565 0.0111  0.0046  -0.0031 4   THR A C   
44  O  O   . THR A 4  ? 0.0712 0.0714 0.0676 0.0149  0.0149  0.0084  4   THR A O   
45  C  CB  . THR A 4  ? 0.0867 0.0580 0.0447 0.0024  0.0054  -0.0077 4   THR A CB  
46  O  OG1 . THR A 4  ? 0.0767 0.0628 0.0673 0.0020  0.0068  -0.0202 4   THR A OG1 
47  C  CG2 . THR A 4  ? 0.0979 0.0573 0.0571 0.0060  0.0092  -0.0078 4   THR A CG2 
55  N  N   . PRO A 5  ? 0.0746 0.0521 0.0522 0.0073  0.0016  -0.0116 5   PRO A N   
56  C  CA  . PRO A 5  ? 0.0754 0.0512 0.0595 0.0053  -0.0022 -0.0176 5   PRO A CA  
57  C  C   . PRO A 5  ? 0.0689 0.0498 0.0503 0.0056  0.0045  -0.0150 5   PRO A C   
58  O  O   . PRO A 5  ? 0.0735 0.0542 0.0819 -0.0031 0.0026  -0.0267 5   PRO A O   
59  C  CB  . PRO A 5  ? 0.0875 0.0791 0.0613 0.0044  -0.0045 -0.0278 5   PRO A CB  
60  C  CG  . PRO A 5  ? 0.1014 0.0776 0.0693 0.0060  0.0021  -0.0156 5   PRO A CG  
61  C  CD  . PRO A 5  ? 0.0939 0.0699 0.0542 0.0088  -0.0016 -0.0038 5   PRO A CD  
69  N  N   . GLY A 6  ? 0.0705 0.0469 0.0479 0.0068  -0.0008 -0.0157 6   GLY A N   
70  C  CA  . GLY A 6  ? 0.0730 0.0554 0.0381 0.0075  0.0006  -0.0060 6   GLY A CA  
71  C  C   . GLY A 6  ? 0.0785 0.0552 0.0407 0.0134  0.0071  -0.0115 6   GLY A C   
72  O  O   . GLY A 6  ? 0.0990 0.0552 0.0689 0.0035  -0.0008 -0.0158 6   GLY A O   
76  N  N   . LEU A 7  ? 0.0686 0.0731 0.0386 0.0166  0.0072  -0.0053 7   LEU A N   
77  C  CA  . LEU A 7  ? 0.0674 0.0801 0.0467 0.0295  0.0076  -0.0084 7   LEU A CA  
78  C  C   . LEU A 7  ? 0.0770 0.0708 0.0468 0.0235  0.0097  -0.0103 7   LEU A C   
79  O  O   . LEU A 7  ? 0.0731 0.0669 0.0585 0.0194  0.0197  -0.0104 7   LEU A O   
80  C  CB  . LEU A 7  ? 0.0670 0.1376 0.0479 0.0293  0.0039  -0.0115 7   LEU A CB  
81  C  CG  . LEU A 7  ? 0.0735 0.2162 0.0592 0.0144  0.0021  -0.0222 7   LEU A CG  
82  C  CD1 . LEU A 7  ? 0.0773 0.2410 0.0792 0.0097  0.0048  -0.0340 7   LEU A CD1 
83  C  CD2 . LEU A 7  ? 0.0879 0.2436 0.0905 0.0064  0.0120  -0.0385 7   LEU A CD2 
95  N  N   . PRO A 8  ? 0.0939 0.0635 0.0526 0.0266  0.0140  0.0029  8   PRO A N   
96  C  CA  . PRO A 8  ? 0.0905 0.0753 0.0503 0.0207  0.0091  0.0032  8   PRO A CA  
97  C  C   . PRO A 8  ? 0.0776 0.0692 0.0534 0.0248  0.0116  0.0035  8   PRO A C   
98  O  O   . PRO A 8  ? 0.0749 0.1172 0.0736 0.0264  0.0150  -0.0053 8   PRO A O   
99  C  CB  . PRO A 8  ? 0.1170 0.0724 0.0760 0.0120  0.0112  0.0007  8   PRO A CB  
100 C  CG  A PRO A 8  ? 0.1072 0.0745 0.0862 0.0278  0.0149  -0.0017 8   PRO A CG  
101 C  CG  B PRO A 8  ? 0.1074 0.0674 0.0836 0.0237  0.0136  0.0003  8   PRO A CG  
102 C  CD  . PRO A 8  ? 0.1061 0.0708 0.0887 0.0293  0.0212  -0.0064 8   PRO A CD  
116 N  N   . GLU A 9  ? 0.0763 0.0824 0.0452 0.0075  0.0115  -0.0037 9   GLU A N   
117 C  CA  . GLU A 9  ? 0.0751 0.0702 0.0495 0.0109  0.0081  -0.0006 9   GLU A CA  
118 C  C   . GLU A 9  ? 0.0720 0.0569 0.0545 0.0129  0.0105  -0.0077 9   GLU A C   
119 O  O   . GLU A 9  ? 0.0886 0.0542 0.0661 -0.0017 -0.0017 -0.0044 9   GLU A O   
120 C  CB  . GLU A 9  ? 0.0834 0.0631 0.0487 0.0126  0.0090  0.0002  9   GLU A CB  
121 C  CG  . GLU A 9  ? 0.0872 0.0747 0.0600 0.0136  0.0028  0.0038  9   GLU A CG  
122 C  CD  . GLU A 9  ? 0.0924 0.0691 0.0548 0.0066  -0.0096 0.0043  9   GLU A CD  
123 O  OE1 . GLU A 9  ? 0.0941 0.0961 0.0789 0.0006  -0.0135 0.0061  9   GLU A OE1 
130 N  N   . ASP A 10 ? 0.0690 0.0472 0.0512 0.0049  0.0004  -0.0062 10  ASP A N   
131 C  CA  . ASP A 10 ? 0.0589 0.0463 0.0506 0.0112  0.0029  -0.0079 10  ASP A CA  
132 C  C   . ASP A 10 ? 0.0597 0.0434 0.0421 0.0088  -0.0041 -0.0087 10  ASP A C   
133 O  O   . ASP A 10 ? 0.0651 0.0435 0.0427 0.0099  0.0013  -0.0114 10  ASP A O   
134 C  CB  . ASP A 10 ? 0.0682 0.0683 0.0679 0.0012  -0.0048 -0.0082 10  ASP A CB  
135 C  CG  . ASP A 10 ? 0.0751 0.1441 0.0802 -0.0131 -0.0052 -0.0190 10  ASP A CG  
136 O  OD1 . ASP A 10 ? 0.0809 0.1507 0.0904 -0.0105 0.0060  -0.0284 10  ASP A OD1 
137 O  OD2 . ASP A 10 ? 0.0988 0.2544 0.0945 -0.0500 -0.0091 -0.0178 10  ASP A OD2 
142 N  N   . PHE A 11 ? 0.0650 0.0450 0.0412 0.0111  0.0031  -0.0086 11  PHE A N   
143 C  CA  . PHE A 11 ? 0.0704 0.0505 0.0407 0.0166  0.0058  -0.0007 11  PHE A CA  
144 C  C   . PHE A 11 ? 0.0665 0.0618 0.0454 0.0172  0.0079  0.0042  11  PHE A C   
145 O  O   . PHE A 11 ? 0.0793 0.1117 0.0688 0.0213  0.0148  0.0391  11  PHE A O   
146 C  CB  . PHE A 11 ? 0.0776 0.0587 0.0432 0.0160  0.0043  -0.0064 11  PHE A CB  
147 C  CG  . PHE A 11 ? 0.0785 0.0605 0.0449 0.0122  0.0050  -0.0105 11  PHE A CG  
148 C  CD1 . PHE A 11 ? 0.0836 0.0687 0.0883 0.0078  0.0066  -0.0120 11  PHE A CD1 
149 C  CD2 . PHE A 11 ? 0.0764 0.0619 0.0338 0.0121  0.0018  -0.0114 11  PHE A CD2 
150 C  CE1 . PHE A 11 ? 0.0876 0.0782 0.1146 0.0001  0.0074  -0.0215 11  PHE A CE1 
151 C  CE2 . PHE A 11 ? 0.0697 0.0737 0.0530 0.0166  0.0020  -0.0127 11  PHE A CE2 
152 C  CZ  . PHE A 11 ? 0.0736 0.0852 0.0961 0.0097  0.0026  -0.0189 11  PHE A CZ  
162 N  N   . LEU A 12 ? 0.0642 0.0543 0.0400 0.0074  0.0029  -0.0052 12  LEU A N   
163 C  CA  . LEU A 12 ? 0.0622 0.0510 0.0437 0.0077  0.0040  -0.0072 12  LEU A CA  
164 C  C   . LEU A 12 ? 0.0659 0.0475 0.0477 0.0079  0.0070  -0.0064 12  LEU A C   
165 O  O   . LEU A 12 ? 0.0667 0.0618 0.0481 0.0079  0.0098  -0.0094 12  LEU A O   
166 C  CB  . LEU A 12 ? 0.0638 0.0524 0.0453 0.0080  -0.0020 -0.0068 12  LEU A CB  
167 C  CG  . LEU A 12 ? 0.0656 0.0570 0.0532 0.0113  -0.0007 -0.0206 12  LEU A CG  
168 C  CD1 . LEU A 12 ? 0.0949 0.0629 0.0725 -0.0005 0.0091  -0.0258 12  LEU A CD1 
169 C  CD2 . LEU A 12 ? 0.0796 0.0663 0.0523 0.0078  0.0101  -0.0170 12  LEU A CD2 
181 N  N   . PRO A 13 ? 0.0636 0.0535 0.0418 0.0038  0.0035  -0.0108 13  PRO A N   
182 C  CA  . PRO A 13 ? 0.0728 0.0672 0.0429 -0.0086 0.0022  -0.0130 13  PRO A CA  
183 C  C   . PRO A 13 ? 0.0736 0.0740 0.0490 0.0001  0.0004  -0.0182 13  PRO A C   
184 O  O   . PRO A 13 ? 0.0915 0.0623 0.0600 -0.0024 -0.0059 -0.0110 13  PRO A O   
185 C  CB  . PRO A 13 ? 0.0813 0.1003 0.0541 -0.0245 0.0043  -0.0095 13  PRO A CB  
186 C  CG  . PRO A 13 ? 0.0704 0.1109 0.0680 -0.0090 0.0083  -0.0238 13  PRO A CG  
187 C  CD  . PRO A 13 ? 0.0673 0.0703 0.0504 0.0005  0.0081  -0.0146 13  PRO A CD  
195 N  N   . GLY A 14 ? 0.0953 0.0789 0.0446 -0.0151 0.0071  -0.0135 14  GLY A N   
196 C  CA  . GLY A 14 ? 0.0938 0.0854 0.0545 -0.0094 0.0084  -0.0013 14  GLY A CA  
197 C  C   . GLY A 14 ? 0.0886 0.0732 0.0531 0.0024  0.0101  -0.0040 14  GLY A C   
198 O  O   . GLY A 14 ? 0.0952 0.0774 0.0755 0.0057  0.0225  0.0026  14  GLY A O   
202 N  N   . HIS A 15 ? 0.0768 0.0585 0.0443 0.0074  0.0093  -0.0092 15  HIS A N   
203 C  CA  . HIS A 15 ? 0.0672 0.0634 0.0433 0.0139  0.0106  -0.0031 15  HIS A CA  
204 C  C   . HIS A 15 ? 0.0726 0.0557 0.0540 0.0144  0.0132  -0.0066 15  HIS A C   
205 O  O   . HIS A 15 ? 0.0730 0.0603 0.0660 0.0173  0.0159  -0.0101 15  HIS A O   
206 C  CB  . HIS A 15 ? 0.0733 0.0685 0.0499 0.0121  0.0055  -0.0056 15  HIS A CB  
207 C  CG  . HIS A 15 ? 0.0814 0.0758 0.0444 0.0061  -0.0003 -0.0148 15  HIS A CG  
208 N  ND1 . HIS A 15 ? 0.0895 0.0726 0.0583 0.0030  -0.0008 -0.0124 15  HIS A ND1 
209 C  CD2 . HIS A 15 ? 0.0944 0.0775 0.0584 0.0070  -0.0029 -0.0177 15  HIS A CD2 
210 C  CE1 . HIS A 15 ? 0.1004 0.0865 0.0735 -0.0077 -0.0075 -0.0204 15  HIS A CE1 
211 N  NE2 . HIS A 15 ? 0.1062 0.0747 0.0735 -0.0033 -0.0071 -0.0243 15  HIS A NE2 
219 N  N   . TYR A 16 ? 0.0773 0.0535 0.0706 0.0099  0.0232  -0.0112 16  TYR A N   
220 C  CA  . TYR A 16 ? 0.0854 0.0572 0.0729 0.0036  0.0222  -0.0144 16  TYR A CA  
221 C  C   . TYR A 16 ? 0.0750 0.0652 0.0572 -0.0015 0.0069  -0.0131 16  TYR A C   
222 O  O   . TYR A 16 ? 0.0786 0.0663 0.0569 -0.0036 0.0111  -0.0177 16  TYR A O   
223 C  CB  . TYR A 16 ? 0.1014 0.0712 0.0748 -0.0039 0.0284  -0.0275 16  TYR A CB  
224 C  CG  . TYR A 16 ? 0.1107 0.0788 0.0499 -0.0125 0.0108  -0.0270 16  TYR A CG  
225 C  CD1 . TYR A 16 ? 0.1154 0.0926 0.0576 -0.0129 0.0124  -0.0243 16  TYR A CD1 
226 C  CD2 . TYR A 16 ? 0.1152 0.0992 0.0428 -0.0192 -0.0003 -0.0196 16  TYR A CD2 
227 C  CE1 . TYR A 16 ? 0.1132 0.0981 0.0652 -0.0068 0.0055  -0.0244 16  TYR A CE1 
228 C  CE2 . TYR A 16 ? 0.1171 0.1228 0.0469 -0.0214 0.0004  -0.0204 16  TYR A CE2 
229 C  CZ  . TYR A 16 ? 0.1070 0.1298 0.0519 -0.0142 -0.0073 -0.0204 16  TYR A CZ  
230 O  OH  . TYR A 16 ? 0.1026 0.1691 0.0753 -0.0091 -0.0107 -0.0151 16  TYR A OH  
240 N  N   A SME A 17 ? 0.0807 0.0623 0.0687 -0.0048 0.0108  -0.0156 17  SME A N   
241 C  CA  A SME A 17 ? 0.0888 0.0728 0.0693 -0.0170 0.0084  -0.0138 17  SME A CA  
242 C  CB  A SME A 17 ? 0.1015 0.0900 0.0716 -0.0347 0.0015  -0.0100 17  SME A CB  
243 C  CG  A SME A 17 ? 0.1021 0.0983 0.0679 -0.0332 0.0065  -0.0081 17  SME A CG  
244 S  S   A SME A 17 ? 0.1127 0.0959 0.0518 -0.0408 0.0071  -0.0075 17  SME A S   
245 O  OE  A SME A 17 ? 0.0955 0.1235 0.0396 -0.0434 0.0053  -0.0074 17  SME A OE  
246 C  CE  A SME A 17 ? 0.1102 0.1041 0.0522 -0.0430 -0.0009 -0.0084 17  SME A CE  
247 C  C   A SME A 17 ? 0.0858 0.0809 0.0796 -0.0141 0.0041  -0.0120 17  SME A C   
248 O  O   A SME A 17 ? 0.0925 0.0809 0.1085 -0.0198 0.0044  -0.0316 17  SME A O   
258 N  N   B MET A 17 ? 0.0841 0.0668 0.0651 -0.0070 0.0070  -0.0061 17  MET A N   
259 C  CA  B MET A 17 ? 0.0941 0.0767 0.0660 -0.0177 0.0038  0.0019  17  MET A CA  
260 C  C   B MET A 17 ? 0.0877 0.0731 0.0690 -0.0107 0.0008  0.0019  17  MET A C   
261 O  O   B MET A 17 ? 0.0887 0.0636 0.0804 -0.0098 -0.0012 -0.0098 17  MET A O   
262 C  CB  B MET A 17 ? 0.1106 0.0969 0.0707 -0.0354 -0.0022 0.0113  17  MET A CB  
263 C  CG  B MET A 17 ? 0.1211 0.1125 0.0813 -0.0415 -0.0080 0.0156  17  MET A CG  
264 S  SD  B MET A 17 ? 0.1294 0.1324 0.0897 -0.0429 -0.0071 0.0115  17  MET A SD  
265 C  CE  B MET A 17 ? 0.1273 0.1338 0.1127 -0.0352 0.0012  -0.0022 17  MET A CE  
275 N  N   . PRO A 18 ? 0.0832 0.0874 0.0725 -0.0027 0.0053  0.0064  18  PRO A N   
276 C  CA  A PRO A 18 ? 0.0857 0.1057 0.0708 -0.0063 -0.0074 0.0220  18  PRO A CA  
277 C  CA  B PRO A 18 ? 0.0863 0.0984 0.0722 -0.0050 -0.0048 0.0178  18  PRO A CA  
278 C  C   . PRO A 18 ? 0.0858 0.1019 0.0596 -0.0091 -0.0160 0.0193  18  PRO A C   
279 O  O   . PRO A 18 ? 0.0962 0.1088 0.0619 -0.0229 -0.0158 0.0203  18  PRO A O   
280 C  CB  A PRO A 18 ? 0.0927 0.1125 0.0924 -0.0029 0.0012  0.0187  18  PRO A CB  
281 C  CB  B PRO A 18 ? 0.0895 0.0996 0.0887 0.0001  0.0034  0.0169  18  PRO A CB  
282 C  CG  A PRO A 18 ? 0.0932 0.1118 0.0837 0.0003  0.0141  0.0136  18  PRO A CG  
283 C  CG  B PRO A 18 ? 0.0932 0.0894 0.0914 0.0019  0.0168  0.0107  18  PRO A CG  
284 C  CD  A PRO A 18 ? 0.0906 0.0990 0.0750 0.0003  0.0204  0.0078  18  PRO A CD  
285 C  CD  B PRO A 18 ? 0.0905 0.0946 0.0789 0.0015  0.0207  0.0059  18  PRO A CD  
300 N  N   . GLY A 19 ? 0.0961 0.1030 0.0723 -0.0074 -0.0205 0.0146  19  GLY A N   
301 C  CA  . GLY A 19 ? 0.1036 0.1088 0.0994 0.0000  -0.0218 0.0251  19  GLY A CA  
302 C  C   . GLY A 19 ? 0.1233 0.1295 0.1603 -0.0022 -0.0122 0.0287  19  GLY A C   
303 O  O   . GLY A 19 ? 0.1422 0.1185 0.2200 -0.0014 -0.0015 0.0355  19  GLY A O   
304 O  OXT . GLY A 19 ? 0.1299 0.1615 0.1627 -0.0027 -0.0006 0.0217  19  GLY A OXT 
308 CL CL  . CL  B .  ? 0.1062 0.0688 0.0916 -0.0117 0.0196  -0.0087 101 CL  A CL  
309 O  O   . HOH C .  ? 0.0805 0.0787 0.0805 -0.0022 -0.0089 -0.0087 201 HOH A O   
310 O  O   . HOH C .  ? 0.1340 0.2546 0.1655 0.0454  0.0563  0.0447  202 HOH A O   
311 O  O   . HOH C .  ? 0.1482 0.0946 0.1614 0.0168  0.0411  -0.0123 203 HOH A O   
312 O  O   . HOH C .  ? 0.2227 0.1364 0.2846 0.0089  0.1413  -0.0185 204 HOH A O   
313 O  O   . HOH C .  ? 0.1530 0.0866 0.0460 0.0384  -0.0008 -0.0103 205 HOH A O   
314 O  O   . HOH C .  ? 0.0916 0.0869 0.1269 0.0066  0.0304  0.0243  206 HOH A O   
315 O  O   . HOH C .  ? 0.1197 0.1711 0.1206 -0.0448 0.0461  -0.0740 207 HOH A O   
316 O  O   . HOH C .  ? 0.1812 0.0488 0.0814 -0.0015 0.0230  -0.0084 208 HOH A O   
317 O  O   . HOH C .  ? 0.1968 0.4550 0.2798 -0.0679 -0.0939 -0.0363 209 HOH A O   
318 O  O   . HOH C .  ? 0.1005 0.1417 0.0511 -0.0078 0.0019  0.0086  210 HOH A O   
319 O  O   . HOH C .  ? 0.0884 0.0851 0.1993 0.0007  0.0072  -0.0572 211 HOH A O   
320 O  O   . HOH C .  ? 0.2776 0.1196 0.0863 -0.0194 -0.0320 -0.0189 212 HOH A O   
321 O  O   . HOH C .  ? 0.1542 0.0588 0.0832 -0.0014 -0.0353 -0.0191 213 HOH A O   
322 O  O   . HOH C .  ? 0.2826 0.3521 0.2169 -0.0013 0.0043  0.1567  214 HOH A O   
323 O  O   . HOH C .  ? 0.2637 0.1135 0.1179 0.0288  0.0249  -0.0174 215 HOH A O   
324 O  O   . HOH C .  ? 0.2029 0.1418 0.0813 0.0159  -0.0049 -0.0223 216 HOH A O   
325 O  O   . HOH C .  ? 0.2463 0.4604 0.1982 0.1710  0.0662  0.1211  217 HOH A O   
326 O  O   . HOH C .  ? 0.2858 0.1804 0.1474 -0.1095 -0.0732 0.0175  218 HOH A O   
327 O  O   . HOH C .  ? 0.1887 0.1012 0.1142 -0.0414 -0.0194 -0.0163 219 HOH A O   
328 O  O   . HOH C .  ? 0.1390 0.2519 0.4031 -0.0278 0.0437  -0.1773 220 HOH A O   
329 O  O   . HOH C .  ? 0.4040 0.2174 0.6863 -0.0697 -0.1263 -0.0308 221 HOH A O   
# 
